data_6QPO
#
_entry.id   6QPO
#
_cell.length_a   105.170
_cell.length_b   55.990
_cell.length_c   116.030
_cell.angle_alpha   90.00
_cell.angle_beta   112.47
_cell.angle_gamma   90.00
#
_symmetry.space_group_name_H-M   'P 1 2 1'
#
loop_
_entity.id
_entity.type
_entity.pdbx_description
1 polymer Fiber
2 non-polymer 'SULFATE ION'
3 water water
#
_entity_poly.entity_id   1
_entity_poly.type   'polypeptide(L)'
_entity_poly.pdbx_seq_one_letter_code
;MKRHHHHHHGSGDLVAWNKENDRRTLWTTPDPEANCKVSEEKDSKLTLVLTKCGSQILASVSLLVVKGKFANINNKTNPG
EDYKKFSVKLLFDANGKLLTGSSLDGNYWNYKNKDSVIGSPYENAVPFMPNSTAYPKIINNGTANPEDKKSAAKKTIVTN
VYLGGDAAKPVATTISFNKETESNCVYSITFDFAWNKTYKNVPFDSSSLTFSYIAQDAEDKNE
;
_entity_poly.pdbx_strand_id   A,B,C,D,E,F
#
loop_
_chem_comp.id
_chem_comp.type
_chem_comp.name
_chem_comp.formula
SO4 non-polymer 'SULFATE ION' 'O4 S -2'
#
# COMPACT_ATOMS: atom_id res chain seq x y z
N GLU A 20 -2.11 -1.37 41.91
CA GLU A 20 -1.42 -0.74 40.74
C GLU A 20 -2.09 -1.31 39.47
N ASN A 21 -1.43 -2.25 38.81
CA ASN A 21 -1.95 -3.03 37.66
C ASN A 21 -2.81 -4.19 38.19
N ASP A 22 -2.61 -4.50 39.47
CA ASP A 22 -3.24 -5.62 40.23
C ASP A 22 -4.70 -5.25 40.59
N ARG A 23 -5.06 -3.96 40.75
CA ARG A 23 -6.45 -3.53 41.06
C ARG A 23 -7.27 -3.59 39.76
N ARG A 24 -6.54 -3.67 38.65
CA ARG A 24 -7.12 -3.83 37.31
C ARG A 24 -7.49 -5.29 37.09
N THR A 25 -7.04 -6.23 37.92
CA THR A 25 -7.35 -7.66 37.70
C THR A 25 -8.14 -8.25 38.85
N LEU A 26 -9.17 -9.06 38.58
CA LEU A 26 -9.92 -9.86 39.58
C LEU A 26 -9.89 -11.33 39.13
N TRP A 27 -9.41 -12.30 39.93
CA TRP A 27 -9.21 -13.71 39.46
C TRP A 27 -9.40 -14.72 40.59
N THR A 28 -9.45 -15.98 40.21
CA THR A 28 -9.52 -17.16 41.11
C THR A 28 -8.15 -17.59 41.63
N THR A 29 -7.10 -16.98 41.10
CA THR A 29 -5.69 -17.49 41.09
C THR A 29 -5.39 -18.17 39.75
N PRO A 30 -4.14 -18.11 39.25
CA PRO A 30 -3.80 -18.76 37.98
C PRO A 30 -3.76 -20.29 38.12
N ASP A 31 -3.55 -20.78 39.34
CA ASP A 31 -3.44 -22.23 39.66
C ASP A 31 -4.26 -22.46 40.92
N PRO A 32 -5.58 -22.43 40.86
CA PRO A 32 -6.35 -22.50 42.09
C PRO A 32 -6.44 -23.94 42.56
N GLU A 33 -6.70 -24.13 43.84
CA GLU A 33 -7.25 -25.36 44.43
C GLU A 33 -8.70 -25.54 43.97
N ALA A 34 -9.24 -26.74 44.08
CA ALA A 34 -10.69 -26.99 43.86
C ALA A 34 -11.52 -25.84 44.50
N ASN A 35 -12.24 -25.11 43.66
CA ASN A 35 -12.92 -23.83 44.04
C ASN A 35 -14.32 -23.76 43.42
N CYS A 36 -14.85 -24.87 42.89
CA CYS A 36 -16.03 -24.80 42.00
C CYS A 36 -16.91 -26.04 42.07
N LYS A 37 -18.23 -25.82 42.09
CA LYS A 37 -19.26 -26.88 42.02
C LYS A 37 -19.86 -26.92 40.61
N VAL A 38 -19.54 -27.96 39.86
CA VAL A 38 -20.27 -28.38 38.63
C VAL A 38 -21.38 -29.35 39.02
N SER A 39 -21.12 -30.32 39.88
CA SER A 39 -22.03 -31.47 40.16
C SER A 39 -22.22 -31.67 41.67
N GLU A 40 -21.12 -31.76 42.41
CA GLU A 40 -21.08 -31.75 43.90
C GLU A 40 -20.00 -30.76 44.35
N GLU A 41 -20.08 -30.32 45.60
CA GLU A 41 -19.15 -29.37 46.29
C GLU A 41 -17.69 -29.53 45.83
N LYS A 42 -17.08 -28.47 45.31
CA LYS A 42 -15.60 -28.40 45.10
C LYS A 42 -15.12 -29.58 44.21
N ASP A 43 -15.78 -29.83 43.09
CA ASP A 43 -15.44 -31.00 42.26
C ASP A 43 -14.66 -30.50 41.06
N SER A 44 -14.39 -29.20 41.01
CA SER A 44 -13.74 -28.62 39.82
C SER A 44 -12.91 -27.40 40.18
N LYS A 45 -11.98 -27.10 39.28
CA LYS A 45 -11.05 -25.97 39.32
C LYS A 45 -11.38 -25.10 38.13
N LEU A 46 -11.92 -23.94 38.45
CA LEU A 46 -12.17 -22.86 37.49
C LEU A 46 -11.04 -21.89 37.65
N THR A 47 -10.36 -21.62 36.57
CA THR A 47 -9.41 -20.52 36.49
C THR A 47 -10.08 -19.47 35.58
N LEU A 48 -10.45 -18.37 36.21
CA LEU A 48 -11.01 -17.20 35.52
C LEU A 48 -10.21 -16.03 35.99
N VAL A 49 -9.71 -15.28 35.03
CA VAL A 49 -9.09 -13.95 35.19
C VAL A 49 -9.93 -12.90 34.43
N LEU A 50 -10.41 -11.87 35.14
CA LEU A 50 -11.03 -10.65 34.55
C LEU A 50 -10.02 -9.53 34.66
N THR A 51 -9.64 -8.90 33.57
CA THR A 51 -8.81 -7.67 33.53
C THR A 51 -9.59 -6.50 32.88
N LYS A 52 -9.37 -5.25 33.27
CA LYS A 52 -9.92 -4.04 32.60
C LYS A 52 -9.00 -3.48 31.50
N CYS A 53 -9.31 -3.48 30.19
CA CYS A 53 -8.69 -2.50 29.24
C CYS A 53 -9.75 -1.45 28.94
N GLY A 54 -9.76 -0.40 29.75
CA GLY A 54 -10.65 0.76 29.65
C GLY A 54 -12.09 0.38 29.93
N SER A 55 -12.94 0.45 28.91
CA SER A 55 -14.40 0.25 29.05
C SER A 55 -14.77 -1.22 28.97
N GLN A 56 -13.86 -2.09 28.56
CA GLN A 56 -14.14 -3.54 28.46
C GLN A 56 -13.44 -4.33 29.60
N ILE A 57 -13.91 -5.55 29.81
CA ILE A 57 -13.23 -6.61 30.57
C ILE A 57 -12.66 -7.65 29.58
N LEU A 58 -11.34 -7.88 29.63
CA LEU A 58 -10.64 -8.95 28.90
C LEU A 58 -10.50 -10.15 29.85
N ALA A 59 -10.91 -11.33 29.43
CA ALA A 59 -11.15 -12.51 30.29
C ALA A 59 -10.51 -13.72 29.65
N SER A 60 -9.93 -14.60 30.47
CA SER A 60 -9.41 -15.95 30.11
C SER A 60 -10.10 -16.90 31.09
N VAL A 61 -10.65 -18.01 30.62
CA VAL A 61 -11.34 -18.98 31.52
C VAL A 61 -10.84 -20.40 31.19
N SER A 62 -10.93 -21.30 32.14
CA SER A 62 -10.56 -22.70 31.94
C SER A 62 -11.17 -23.51 33.06
N LEU A 63 -11.50 -24.77 32.79
CA LEU A 63 -12.26 -25.61 33.75
C LEU A 63 -11.64 -26.99 33.68
N LEU A 64 -11.10 -27.48 34.78
CA LEU A 64 -10.73 -28.89 34.97
C LEU A 64 -11.68 -29.45 36.04
N VAL A 65 -12.42 -30.53 35.73
CA VAL A 65 -13.26 -31.18 36.78
C VAL A 65 -12.51 -32.41 37.26
N VAL A 66 -12.28 -32.49 38.57
CA VAL A 66 -11.30 -33.46 39.16
C VAL A 66 -12.05 -34.62 39.83
N LYS A 67 -13.36 -34.49 40.04
CA LYS A 67 -14.21 -35.64 40.50
C LYS A 67 -15.69 -35.44 40.08
N GLY A 68 -16.52 -36.41 40.44
CA GLY A 68 -17.97 -36.38 40.25
C GLY A 68 -18.35 -36.83 38.86
N LYS A 69 -19.48 -36.32 38.39
CA LYS A 69 -20.27 -36.86 37.27
C LYS A 69 -19.53 -36.59 35.96
N PHE A 70 -18.60 -35.61 35.93
CA PHE A 70 -17.89 -35.18 34.70
C PHE A 70 -16.35 -35.24 34.81
N ALA A 71 -15.77 -35.95 35.77
CA ALA A 71 -14.30 -36.09 35.91
C ALA A 71 -13.75 -37.06 34.87
N ASN A 72 -14.61 -37.90 34.27
CA ASN A 72 -14.23 -38.85 33.19
C ASN A 72 -15.51 -39.26 32.45
N ILE A 73 -16.01 -38.38 31.57
CA ILE A 73 -17.26 -38.57 30.75
C ILE A 73 -17.23 -39.96 30.12
N ASN A 74 -18.33 -40.70 30.18
CA ASN A 74 -18.55 -41.87 29.29
C ASN A 74 -20.02 -41.81 28.87
N ASN A 75 -20.29 -41.29 27.68
CA ASN A 75 -21.67 -41.13 27.16
C ASN A 75 -22.10 -42.42 26.47
N LYS A 76 -21.20 -43.39 26.41
CA LYS A 76 -21.51 -44.79 26.01
C LYS A 76 -22.24 -45.43 27.20
N THR A 77 -21.64 -45.44 28.40
CA THR A 77 -22.27 -46.04 29.61
C THR A 77 -23.27 -45.05 30.24
N ASN A 78 -23.10 -43.74 30.09
CA ASN A 78 -24.10 -42.74 30.55
C ASN A 78 -24.53 -41.82 29.39
N PRO A 79 -25.50 -42.27 28.58
CA PRO A 79 -26.18 -41.37 27.65
C PRO A 79 -27.26 -40.71 28.51
N GLY A 80 -27.89 -39.66 28.00
CA GLY A 80 -28.94 -38.92 28.72
C GLY A 80 -28.49 -37.50 28.92
N GLU A 81 -29.40 -36.55 28.64
CA GLU A 81 -29.21 -35.07 28.62
C GLU A 81 -28.23 -34.67 29.74
N ASP A 82 -28.48 -35.08 31.00
CA ASP A 82 -27.82 -34.58 32.23
C ASP A 82 -26.32 -34.95 32.28
N TYR A 83 -25.87 -35.95 31.53
CA TYR A 83 -24.44 -36.35 31.46
C TYR A 83 -23.75 -35.71 30.26
N LYS A 84 -24.44 -34.87 29.50
CA LYS A 84 -23.92 -34.23 28.25
C LYS A 84 -24.10 -32.72 28.33
N LYS A 85 -24.48 -32.16 29.48
CA LYS A 85 -24.41 -30.70 29.67
C LYS A 85 -24.23 -30.36 31.15
N PHE A 86 -23.68 -29.20 31.40
CA PHE A 86 -23.72 -28.56 32.72
C PHE A 86 -23.40 -27.09 32.55
N SER A 87 -23.52 -26.36 33.65
CA SER A 87 -23.29 -24.89 33.65
C SER A 87 -22.61 -24.49 34.96
N VAL A 88 -21.96 -23.35 34.94
CA VAL A 88 -21.22 -22.75 36.07
C VAL A 88 -21.73 -21.30 36.13
N LYS A 89 -22.18 -20.85 37.28
CA LYS A 89 -22.76 -19.50 37.48
C LYS A 89 -21.94 -18.68 38.48
N LEU A 90 -21.57 -17.46 38.06
CA LEU A 90 -21.07 -16.39 38.95
C LEU A 90 -22.22 -15.41 39.10
N LEU A 91 -22.75 -15.33 40.30
CA LEU A 91 -23.85 -14.45 40.70
C LEU A 91 -23.24 -13.36 41.56
N PHE A 92 -23.62 -12.10 41.29
CA PHE A 92 -23.11 -10.93 42.07
C PHE A 92 -24.23 -9.98 42.54
N ASP A 93 -24.07 -9.42 43.76
CA ASP A 93 -24.91 -8.36 44.41
C ASP A 93 -24.55 -7.01 43.76
N ALA A 94 -25.21 -5.95 44.20
CA ALA A 94 -25.12 -4.55 43.68
C ALA A 94 -23.67 -4.03 43.72
N ASN A 95 -22.85 -4.38 44.74
CA ASN A 95 -21.41 -3.93 44.81
C ASN A 95 -20.46 -4.90 44.08
N GLY A 96 -20.96 -5.98 43.48
CA GLY A 96 -20.14 -6.94 42.73
C GLY A 96 -19.53 -8.03 43.60
N LYS A 97 -20.07 -8.26 44.81
CA LYS A 97 -19.67 -9.42 45.67
C LYS A 97 -20.35 -10.70 45.17
N LEU A 98 -19.59 -11.80 45.10
CA LEU A 98 -20.14 -13.14 44.78
C LEU A 98 -21.19 -13.53 45.81
N LEU A 99 -22.33 -14.06 45.37
CA LEU A 99 -23.50 -14.47 46.20
C LEU A 99 -23.47 -16.00 46.37
N THR A 100 -24.14 -16.48 47.41
CA THR A 100 -24.00 -17.87 47.89
C THR A 100 -24.36 -18.85 46.76
N GLY A 101 -25.54 -18.68 46.16
CA GLY A 101 -25.93 -19.56 45.04
C GLY A 101 -24.86 -19.82 43.97
N SER A 102 -23.69 -19.16 43.95
CA SER A 102 -22.68 -19.37 42.88
C SER A 102 -22.02 -20.77 42.90
N SER A 103 -21.74 -21.32 41.74
CA SER A 103 -20.82 -22.45 41.44
C SER A 103 -19.42 -22.21 42.07
N LEU A 104 -18.84 -21.03 41.86
CA LEU A 104 -17.48 -20.68 42.33
C LEU A 104 -17.54 -20.27 43.81
N ASP A 105 -16.56 -20.75 44.60
CA ASP A 105 -16.37 -20.40 46.03
C ASP A 105 -15.65 -19.06 46.09
N GLY A 106 -15.96 -18.26 47.12
CA GLY A 106 -15.44 -16.91 47.31
C GLY A 106 -14.08 -16.86 47.95
N ASN A 107 -13.59 -17.94 48.54
CA ASN A 107 -12.39 -17.84 49.42
C ASN A 107 -11.22 -17.21 48.67
N TYR A 108 -10.98 -17.65 47.43
CA TYR A 108 -9.82 -17.22 46.60
C TYR A 108 -10.33 -16.53 45.34
N TRP A 109 -11.48 -15.87 45.39
CA TRP A 109 -11.94 -14.92 44.33
C TRP A 109 -11.77 -13.49 44.83
N ASN A 110 -10.75 -12.80 44.32
CA ASN A 110 -10.31 -11.50 44.90
C ASN A 110 -9.35 -10.81 43.92
N TYR A 111 -8.94 -9.59 44.27
CA TYR A 111 -8.01 -8.75 43.46
C TYR A 111 -6.62 -9.40 43.42
N LYS A 112 -5.92 -9.24 42.32
CA LYS A 112 -4.62 -9.89 42.08
C LYS A 112 -3.61 -9.24 43.01
N ASN A 113 -2.66 -10.06 43.47
CA ASN A 113 -1.45 -9.63 44.20
C ASN A 113 -0.32 -10.61 43.86
N LYS A 114 0.66 -10.15 43.06
CA LYS A 114 1.91 -10.88 42.71
C LYS A 114 1.65 -12.40 42.58
N ASP A 115 0.64 -12.86 41.85
CA ASP A 115 0.40 -14.32 41.63
C ASP A 115 -0.49 -14.95 42.72
N SER A 116 -0.95 -14.16 43.69
CA SER A 116 -2.03 -14.62 44.60
C SER A 116 -3.13 -13.56 44.67
N VAL A 117 -3.79 -13.48 45.83
CA VAL A 117 -4.92 -12.55 46.07
C VAL A 117 -4.55 -11.67 47.24
N ILE A 118 -5.20 -10.52 47.33
CA ILE A 118 -5.18 -9.56 48.48
C ILE A 118 -5.55 -10.32 49.75
N GLY A 119 -4.91 -9.97 50.87
CA GLY A 119 -5.21 -10.46 52.23
C GLY A 119 -6.70 -10.54 52.49
N SER A 120 -7.39 -9.39 52.46
CA SER A 120 -8.80 -9.20 52.88
C SER A 120 -9.78 -9.40 51.71
N PRO A 121 -11.04 -9.82 51.95
CA PRO A 121 -12.06 -9.93 50.90
C PRO A 121 -12.51 -8.56 50.40
N TYR A 122 -12.76 -8.40 49.10
CA TYR A 122 -13.00 -7.07 48.50
C TYR A 122 -14.35 -6.48 48.93
N GLU A 123 -14.46 -5.14 48.92
CA GLU A 123 -15.72 -4.42 49.25
C GLU A 123 -16.46 -4.07 47.94
N ASN A 124 -15.73 -3.60 46.92
CA ASN A 124 -16.43 -3.20 45.69
C ASN A 124 -15.69 -3.78 44.48
N ALA A 125 -16.44 -4.34 43.54
CA ALA A 125 -15.98 -4.75 42.18
C ALA A 125 -17.07 -4.48 41.12
N VAL A 126 -17.84 -3.41 41.24
CA VAL A 126 -18.86 -2.97 40.26
C VAL A 126 -18.19 -2.76 38.90
N PRO A 127 -16.97 -2.18 38.82
CA PRO A 127 -16.35 -1.95 37.52
C PRO A 127 -15.91 -3.20 36.75
N PHE A 128 -16.09 -4.41 37.31
CA PHE A 128 -15.77 -5.72 36.66
C PHE A 128 -17.04 -6.44 36.22
N MET A 129 -18.18 -5.85 36.56
CA MET A 129 -19.50 -6.45 36.30
C MET A 129 -19.89 -6.16 34.85
N PRO A 130 -20.64 -7.06 34.20
CA PRO A 130 -21.16 -6.83 32.84
C PRO A 130 -22.22 -5.73 32.85
N ASN A 131 -22.10 -4.79 31.93
CA ASN A 131 -22.94 -3.59 31.84
C ASN A 131 -24.47 -3.92 31.90
N SER A 132 -25.22 -3.32 32.84
CA SER A 132 -26.72 -3.26 32.90
C SER A 132 -27.37 -2.90 31.55
N THR A 133 -26.81 -1.91 30.89
CA THR A 133 -27.38 -1.23 29.70
C THR A 133 -27.15 -2.14 28.49
N ALA A 134 -25.99 -2.74 28.32
CA ALA A 134 -25.70 -3.56 27.12
C ALA A 134 -26.31 -4.95 27.30
N TYR A 135 -26.35 -5.39 28.56
CA TYR A 135 -26.77 -6.74 29.01
C TYR A 135 -27.84 -6.52 30.07
N PRO A 136 -29.09 -6.10 29.66
CA PRO A 136 -30.20 -6.04 30.60
C PRO A 136 -30.65 -7.46 30.96
N LYS A 137 -31.18 -7.64 32.17
CA LYS A 137 -31.58 -8.91 32.81
C LYS A 137 -32.58 -9.70 31.97
N ILE A 138 -33.69 -9.05 31.55
CA ILE A 138 -34.77 -9.52 30.61
C ILE A 138 -34.81 -8.67 29.32
N ILE A 139 -34.91 -9.28 28.15
CA ILE A 139 -35.43 -8.58 26.95
C ILE A 139 -36.77 -9.19 26.58
N ASN A 140 -37.72 -8.36 26.17
CA ASN A 140 -39.07 -8.77 25.69
C ASN A 140 -39.41 -7.98 24.42
N ASN A 141 -39.29 -8.62 23.25
CA ASN A 141 -39.66 -8.06 21.91
C ASN A 141 -40.89 -8.82 21.38
N GLY A 142 -41.93 -8.99 22.20
CA GLY A 142 -43.27 -9.47 21.76
C GLY A 142 -44.06 -8.37 21.06
N THR A 143 -44.36 -7.27 21.77
CA THR A 143 -45.18 -6.10 21.34
C THR A 143 -44.31 -4.83 21.27
N ALA A 144 -42.99 -4.99 21.11
CA ALA A 144 -42.01 -3.88 21.08
C ALA A 144 -41.98 -3.27 19.68
N ASN A 145 -42.24 -1.96 19.56
CA ASN A 145 -41.92 -1.16 18.34
C ASN A 145 -40.46 -1.41 17.95
N PRO A 146 -40.09 -1.34 16.65
CA PRO A 146 -38.78 -1.80 16.18
C PRO A 146 -37.57 -1.02 16.74
N GLU A 147 -37.75 0.28 16.85
CA GLU A 147 -36.72 1.23 17.37
C GLU A 147 -36.47 1.02 18.87
N ASP A 148 -37.43 0.44 19.63
CA ASP A 148 -37.36 0.06 21.07
C ASP A 148 -36.90 -1.39 21.28
N LYS A 149 -36.44 -2.06 20.24
CA LYS A 149 -36.21 -3.52 20.34
C LYS A 149 -34.82 -3.71 20.91
N LYS A 150 -34.65 -4.68 21.80
CA LYS A 150 -33.33 -4.99 22.39
C LYS A 150 -32.84 -6.34 21.87
N SER A 151 -31.55 -6.59 22.05
CA SER A 151 -30.88 -7.81 21.58
C SER A 151 -30.74 -8.86 22.72
N ALA A 152 -31.45 -9.96 22.58
CA ALA A 152 -31.21 -11.23 23.31
C ALA A 152 -29.75 -11.70 23.11
N ALA A 153 -29.33 -11.87 21.85
CA ALA A 153 -28.06 -12.53 21.40
C ALA A 153 -26.85 -11.83 21.96
N LYS A 154 -26.93 -10.51 22.07
CA LYS A 154 -25.81 -9.63 22.45
C LYS A 154 -25.26 -10.05 23.83
N LYS A 155 -26.08 -10.64 24.71
CA LYS A 155 -25.71 -11.00 26.13
C LYS A 155 -24.94 -12.31 26.14
N THR A 156 -24.42 -12.74 25.02
CA THR A 156 -24.15 -14.15 24.74
C THR A 156 -22.89 -14.17 23.90
N ILE A 157 -21.92 -15.00 24.28
CA ILE A 157 -20.80 -15.42 23.41
C ILE A 157 -20.86 -16.94 23.22
N VAL A 158 -20.89 -17.36 21.96
CA VAL A 158 -21.02 -18.77 21.54
C VAL A 158 -19.72 -19.17 20.81
N THR A 159 -19.05 -20.15 21.36
CA THR A 159 -17.76 -20.66 20.85
C THR A 159 -17.65 -22.11 21.28
N ASN A 160 -16.48 -22.73 21.09
CA ASN A 160 -16.20 -24.11 21.59
C ASN A 160 -14.99 -24.07 22.50
N VAL A 161 -14.94 -24.97 23.48
CA VAL A 161 -13.63 -25.38 24.06
C VAL A 161 -13.35 -26.82 23.66
N TYR A 162 -12.20 -27.35 24.01
CA TYR A 162 -11.73 -28.69 23.55
C TYR A 162 -11.13 -29.47 24.73
N LEU A 163 -11.75 -30.62 25.04
CA LEU A 163 -11.29 -31.56 26.07
C LEU A 163 -9.91 -32.05 25.66
N GLY A 164 -8.96 -31.84 26.57
CA GLY A 164 -7.57 -32.28 26.46
C GLY A 164 -6.88 -31.48 25.39
N GLY A 165 -7.40 -30.28 25.11
CA GLY A 165 -6.97 -29.49 23.94
C GLY A 165 -6.84 -30.31 22.67
N ASP A 166 -7.79 -31.20 22.37
CA ASP A 166 -7.86 -31.98 21.10
C ASP A 166 -9.03 -31.45 20.25
N ALA A 167 -8.74 -31.04 19.01
CA ALA A 167 -9.72 -30.54 18.01
C ALA A 167 -10.87 -31.53 17.81
N ALA A 168 -10.64 -32.83 17.93
CA ALA A 168 -11.65 -33.90 17.83
C ALA A 168 -12.63 -33.90 19.01
N LYS A 169 -12.49 -33.00 19.98
CA LYS A 169 -13.28 -33.12 21.23
C LYS A 169 -13.89 -31.78 21.57
N PRO A 170 -14.73 -31.19 20.67
CA PRO A 170 -15.33 -29.90 20.92
C PRO A 170 -16.38 -30.05 22.02
N VAL A 171 -16.56 -28.96 22.74
CA VAL A 171 -17.65 -28.75 23.71
C VAL A 171 -18.25 -27.35 23.43
N ALA A 172 -19.53 -27.32 23.13
CA ALA A 172 -20.30 -26.09 22.85
C ALA A 172 -20.33 -25.24 24.12
N THR A 173 -19.75 -24.06 24.04
CA THR A 173 -19.65 -23.14 25.17
C THR A 173 -20.50 -21.90 24.89
N THR A 174 -21.41 -21.57 25.81
CA THR A 174 -22.11 -20.27 25.76
C THR A 174 -21.76 -19.53 27.01
N ILE A 175 -21.21 -18.34 26.87
CA ILE A 175 -21.02 -17.34 27.97
C ILE A 175 -22.15 -16.29 27.89
N SER A 176 -22.97 -16.20 28.93
CA SER A 176 -24.12 -15.29 29.04
C SER A 176 -23.87 -14.30 30.16
N PHE A 177 -24.08 -13.01 29.90
CA PHE A 177 -24.02 -11.94 30.91
C PHE A 177 -25.40 -11.57 31.41
N ASN A 178 -25.54 -11.37 32.72
CA ASN A 178 -26.72 -10.82 33.38
C ASN A 178 -27.96 -11.60 32.96
N LYS A 179 -27.82 -12.92 32.78
CA LYS A 179 -28.91 -13.89 32.46
C LYS A 179 -29.63 -14.39 33.73
N GLU A 180 -28.93 -14.53 34.83
CA GLU A 180 -29.46 -15.29 35.99
C GLU A 180 -30.25 -14.35 36.91
N THR A 181 -31.18 -14.95 37.67
CA THR A 181 -32.05 -14.30 38.67
C THR A 181 -31.83 -14.93 40.06
N GLU A 182 -31.21 -16.13 40.12
CA GLU A 182 -30.84 -16.91 41.34
C GLU A 182 -30.28 -15.96 42.40
N SER A 183 -30.83 -16.03 43.58
CA SER A 183 -30.33 -15.30 44.77
C SER A 183 -30.56 -13.79 44.64
N ASN A 184 -31.57 -13.35 43.89
CA ASN A 184 -31.81 -11.90 43.63
C ASN A 184 -30.52 -11.20 43.21
N CYS A 185 -29.66 -11.83 42.44
CA CYS A 185 -28.40 -11.19 41.98
C CYS A 185 -28.66 -10.06 41.00
N VAL A 186 -27.82 -9.03 40.93
CA VAL A 186 -28.02 -7.94 39.93
C VAL A 186 -27.08 -8.11 38.72
N TYR A 187 -25.93 -8.76 38.88
CA TYR A 187 -25.01 -9.12 37.77
C TYR A 187 -24.74 -10.63 37.78
N SER A 188 -24.25 -11.16 36.66
CA SER A 188 -24.03 -12.61 36.52
C SER A 188 -23.18 -12.89 35.30
N ILE A 189 -22.34 -13.91 35.42
CA ILE A 189 -21.57 -14.58 34.32
C ILE A 189 -21.89 -16.05 34.44
N THR A 190 -22.41 -16.63 33.37
CA THR A 190 -22.82 -18.04 33.29
C THR A 190 -21.93 -18.67 32.23
N PHE A 191 -21.44 -19.87 32.46
CA PHE A 191 -20.74 -20.66 31.41
C PHE A 191 -21.56 -21.92 31.22
N ASP A 192 -22.12 -22.09 30.04
CA ASP A 192 -22.98 -23.26 29.70
C ASP A 192 -22.16 -24.18 28.82
N PHE A 193 -22.11 -25.46 29.15
CA PHE A 193 -21.32 -26.41 28.35
C PHE A 193 -22.19 -27.55 27.96
N ALA A 194 -22.06 -27.98 26.71
CA ALA A 194 -22.81 -29.12 26.13
C ALA A 194 -22.04 -29.73 24.95
N TRP A 195 -22.37 -30.98 24.63
CA TRP A 195 -21.73 -31.72 23.53
C TRP A 195 -22.73 -32.72 22.96
N ASN A 196 -22.57 -33.01 21.66
CA ASN A 196 -23.28 -34.11 20.93
C ASN A 196 -22.38 -35.35 20.74
N LYS A 197 -21.09 -35.23 20.41
CA LYS A 197 -20.18 -36.41 20.41
C LYS A 197 -20.55 -37.28 21.63
N THR A 198 -20.44 -38.61 21.54
CA THR A 198 -20.51 -39.50 22.72
C THR A 198 -19.07 -39.85 23.11
N TYR A 199 -18.51 -39.08 24.04
CA TYR A 199 -17.11 -39.17 24.54
C TYR A 199 -17.01 -40.40 25.45
N LYS A 200 -16.09 -41.30 25.16
CA LYS A 200 -15.87 -42.53 25.98
C LYS A 200 -14.60 -42.38 26.86
N ASN A 201 -14.77 -42.14 28.18
CA ASN A 201 -13.68 -42.00 29.18
C ASN A 201 -12.79 -40.81 28.79
N VAL A 202 -13.36 -39.62 28.77
CA VAL A 202 -12.62 -38.35 28.51
C VAL A 202 -12.91 -37.42 29.67
N PRO A 203 -11.88 -37.05 30.48
CA PRO A 203 -12.04 -36.06 31.53
C PRO A 203 -12.52 -34.73 30.97
N PHE A 204 -13.41 -34.04 31.68
CA PHE A 204 -13.71 -32.63 31.42
C PHE A 204 -12.50 -31.78 31.84
N ASP A 205 -11.62 -31.53 30.86
CA ASP A 205 -10.32 -30.82 31.01
C ASP A 205 -10.17 -29.90 29.79
N SER A 206 -10.55 -28.62 29.92
CA SER A 206 -10.80 -27.72 28.78
C SER A 206 -9.54 -26.98 28.32
N SER A 207 -9.50 -26.67 27.04
CA SER A 207 -8.66 -25.59 26.48
C SER A 207 -9.08 -24.27 27.12
N SER A 208 -8.24 -23.27 26.95
CA SER A 208 -8.46 -21.89 27.42
C SER A 208 -9.17 -21.11 26.33
N LEU A 209 -9.90 -20.10 26.75
CA LEU A 209 -10.89 -19.35 25.96
C LEU A 209 -10.72 -17.90 26.38
N THR A 210 -10.30 -17.05 25.46
CA THR A 210 -10.39 -15.56 25.51
C THR A 210 -11.81 -15.07 25.14
N PHE A 211 -12.26 -14.02 25.79
CA PHE A 211 -13.59 -13.39 25.65
C PHE A 211 -13.51 -12.02 26.28
N SER A 212 -14.41 -11.09 25.92
CA SER A 212 -14.49 -9.73 26.51
C SER A 212 -15.95 -9.37 26.68
N TYR A 213 -16.22 -8.35 27.45
CA TYR A 213 -17.57 -7.80 27.56
C TYR A 213 -17.39 -6.38 28.07
N ILE A 214 -18.46 -5.60 27.97
CA ILE A 214 -18.50 -4.16 28.31
C ILE A 214 -18.70 -4.06 29.82
N ALA A 215 -17.87 -3.26 30.47
CA ALA A 215 -17.88 -3.11 31.92
C ALA A 215 -18.96 -2.11 32.33
N GLN A 216 -19.56 -2.41 33.47
CA GLN A 216 -20.38 -1.47 34.24
C GLN A 216 -19.50 -0.31 34.67
N ASP A 217 -20.09 0.88 34.73
CA ASP A 217 -19.41 2.15 35.04
C ASP A 217 -19.44 2.35 36.56
N ALA A 218 -18.25 2.44 37.18
CA ALA A 218 -18.01 2.72 38.62
C ALA A 218 -18.79 3.97 39.08
N GLU A 219 -19.10 4.01 40.39
CA GLU A 219 -19.79 5.10 41.17
C GLU A 219 -21.32 4.97 41.06
N GLU B 20 -9.47 11.47 31.85
CA GLU B 20 -8.93 10.19 32.37
C GLU B 20 -9.20 9.09 31.33
N ASN B 21 -9.51 7.87 31.79
CA ASN B 21 -9.45 6.56 31.06
C ASN B 21 -10.47 6.47 29.91
N ASP B 22 -11.45 7.38 29.86
CA ASP B 22 -12.64 7.30 28.94
C ASP B 22 -12.20 7.62 27.50
N ARG B 23 -11.21 8.52 27.33
CA ARG B 23 -10.54 8.91 26.05
C ARG B 23 -9.87 7.69 25.39
N ARG B 24 -9.92 6.53 26.05
CA ARG B 24 -9.40 5.23 25.57
C ARG B 24 -10.51 4.47 24.84
N THR B 25 -11.79 4.89 24.95
CA THR B 25 -12.94 4.18 24.32
C THR B 25 -13.63 5.02 23.23
N LEU B 26 -13.66 4.48 22.01
CA LEU B 26 -14.40 5.03 20.86
C LEU B 26 -15.62 4.14 20.62
N TRP B 27 -16.83 4.55 21.01
CA TRP B 27 -17.97 3.62 20.91
C TRP B 27 -19.29 4.27 20.45
N THR B 28 -19.98 3.55 19.63
CA THR B 28 -21.44 3.37 19.63
C THR B 28 -21.85 3.21 21.06
N THR B 29 -22.93 3.79 21.51
CA THR B 29 -23.28 3.59 22.94
C THR B 29 -23.36 2.08 23.31
N PRO B 30 -23.16 1.66 24.58
CA PRO B 30 -23.43 0.27 24.96
C PRO B 30 -24.88 -0.21 24.67
N ASP B 31 -25.88 0.68 24.79
CA ASP B 31 -27.32 0.41 24.49
C ASP B 31 -27.86 1.37 23.40
N PRO B 32 -27.42 1.20 22.14
CA PRO B 32 -27.55 2.28 21.15
C PRO B 32 -28.94 2.36 20.50
N GLU B 33 -29.37 3.57 20.10
CA GLU B 33 -30.55 3.86 19.24
C GLU B 33 -30.26 3.28 17.84
N ALA B 34 -31.30 3.04 17.02
CA ALA B 34 -31.14 2.53 15.64
C ALA B 34 -30.15 3.46 14.94
N ASN B 35 -29.11 2.95 14.31
CA ASN B 35 -27.93 3.80 14.02
C ASN B 35 -27.23 3.31 12.77
N CYS B 36 -27.74 2.30 12.10
CA CYS B 36 -26.98 1.58 11.05
C CYS B 36 -27.89 1.20 9.87
N LYS B 37 -27.40 1.37 8.67
CA LYS B 37 -28.12 0.93 7.43
C LYS B 37 -27.50 -0.39 7.02
N VAL B 38 -28.26 -1.47 7.07
CA VAL B 38 -27.92 -2.74 6.39
C VAL B 38 -28.64 -2.78 5.04
N SER B 39 -29.84 -2.23 5.00
CA SER B 39 -30.83 -2.40 3.92
C SER B 39 -31.60 -1.10 3.67
N GLU B 40 -32.12 -0.48 4.74
CA GLU B 40 -32.85 0.81 4.71
C GLU B 40 -32.21 1.69 5.77
N GLU B 41 -32.40 3.00 5.68
CA GLU B 41 -31.92 3.98 6.69
C GLU B 41 -32.42 3.45 8.04
N LYS B 42 -31.55 3.37 9.06
CA LYS B 42 -31.93 3.15 10.50
C LYS B 42 -32.67 1.83 10.69
N ASP B 43 -32.22 0.75 10.06
CA ASP B 43 -32.91 -0.55 10.19
C ASP B 43 -32.23 -1.46 11.22
N SER B 44 -31.13 -1.02 11.83
CA SER B 44 -30.31 -1.88 12.71
C SER B 44 -29.70 -1.09 13.88
N LYS B 45 -29.48 -1.80 15.02
CA LYS B 45 -28.71 -1.28 16.20
C LYS B 45 -27.33 -1.96 16.19
N LEU B 46 -26.28 -1.29 15.71
CA LEU B 46 -24.88 -1.80 15.74
C LEU B 46 -24.27 -1.41 17.08
N THR B 47 -23.75 -2.39 17.84
CA THR B 47 -22.92 -2.11 19.06
C THR B 47 -21.43 -2.37 18.72
N LEU B 48 -20.64 -1.32 18.62
CA LEU B 48 -19.19 -1.40 18.37
C LEU B 48 -18.50 -0.62 19.48
N VAL B 49 -17.71 -1.35 20.28
CA VAL B 49 -16.80 -0.76 21.31
C VAL B 49 -15.35 -1.02 20.90
N LEU B 50 -14.60 0.07 20.74
CA LEU B 50 -13.14 0.05 20.54
C LEU B 50 -12.44 0.60 21.79
N THR B 51 -11.49 -0.13 22.34
CA THR B 51 -10.67 0.38 23.47
C THR B 51 -9.19 0.30 23.07
N LYS B 52 -8.40 1.34 23.32
CA LYS B 52 -6.92 1.31 23.19
C LYS B 52 -6.35 0.45 24.32
N CYS B 53 -5.82 -0.73 24.02
CA CYS B 53 -4.93 -1.44 24.97
C CYS B 53 -3.52 -1.41 24.35
N GLY B 54 -2.74 -0.40 24.74
CA GLY B 54 -1.40 -0.15 24.20
C GLY B 54 -1.45 0.11 22.71
N SER B 55 -0.98 -0.86 21.92
CA SER B 55 -0.66 -0.78 20.47
C SER B 55 -1.67 -1.61 19.66
N GLN B 56 -2.57 -2.30 20.34
CA GLN B 56 -3.68 -2.99 19.67
C GLN B 56 -4.95 -2.26 20.10
N ILE B 57 -6.01 -2.47 19.32
CA ILE B 57 -7.40 -2.07 19.66
C ILE B 57 -8.10 -3.37 20.04
N LEU B 58 -8.74 -3.38 21.21
CA LEU B 58 -9.60 -4.49 21.66
C LEU B 58 -11.06 -4.09 21.39
N ALA B 59 -11.69 -4.77 20.44
CA ALA B 59 -13.04 -4.48 19.92
C ALA B 59 -14.06 -5.53 20.38
N SER B 60 -15.29 -5.07 20.48
CA SER B 60 -16.49 -5.90 20.67
C SER B 60 -17.63 -5.39 19.79
N VAL B 61 -18.26 -6.31 19.09
CA VAL B 61 -19.20 -5.95 18.02
C VAL B 61 -20.38 -6.89 18.09
N SER B 62 -21.54 -6.32 17.81
CA SER B 62 -22.85 -7.02 17.86
C SER B 62 -23.82 -6.25 16.96
N LEU B 63 -24.73 -6.93 16.27
CA LEU B 63 -25.69 -6.30 15.31
C LEU B 63 -27.10 -6.85 15.58
N LEU B 64 -28.05 -5.96 15.83
CA LEU B 64 -29.50 -6.30 15.92
C LEU B 64 -30.21 -5.66 14.71
N VAL B 65 -30.85 -6.41 13.84
CA VAL B 65 -31.67 -5.64 12.86
C VAL B 65 -33.14 -5.66 13.23
N VAL B 66 -33.77 -4.49 13.17
CA VAL B 66 -35.13 -4.23 13.74
C VAL B 66 -36.16 -4.06 12.61
N LYS B 67 -35.72 -3.76 11.38
CA LYS B 67 -36.66 -3.60 10.22
C LYS B 67 -36.03 -3.98 8.89
N GLY B 68 -36.87 -4.19 7.88
CA GLY B 68 -36.47 -4.52 6.51
C GLY B 68 -36.16 -5.99 6.34
N LYS B 69 -35.34 -6.20 5.35
CA LYS B 69 -35.18 -7.46 4.61
C LYS B 69 -34.51 -8.48 5.55
N PHE B 70 -33.78 -8.08 6.59
CA PHE B 70 -33.14 -9.05 7.52
C PHE B 70 -33.68 -8.92 8.94
N ALA B 71 -34.83 -8.26 9.15
CA ALA B 71 -35.51 -8.16 10.46
C ALA B 71 -36.20 -9.47 10.83
N ASN B 72 -36.35 -10.41 9.93
CA ASN B 72 -37.04 -11.69 10.21
C ASN B 72 -36.74 -12.61 9.03
N ILE B 73 -35.52 -13.11 8.96
CA ILE B 73 -34.97 -13.92 7.84
C ILE B 73 -35.87 -15.11 7.61
N ASN B 74 -36.24 -15.34 6.36
CA ASN B 74 -37.00 -16.56 6.01
C ASN B 74 -36.48 -17.01 4.65
N ASN B 75 -35.43 -17.82 4.63
CA ASN B 75 -34.70 -18.18 3.38
C ASN B 75 -35.52 -19.22 2.64
N LYS B 76 -36.60 -19.68 3.25
CA LYS B 76 -37.56 -20.62 2.62
C LYS B 76 -38.45 -19.82 1.66
N THR B 77 -39.04 -18.70 2.11
CA THR B 77 -39.78 -17.78 1.20
C THR B 77 -38.74 -16.98 0.36
N ASN B 78 -37.58 -16.56 0.89
CA ASN B 78 -36.55 -15.75 0.17
C ASN B 78 -35.24 -16.51 0.01
N PRO B 79 -35.08 -17.39 -1.00
CA PRO B 79 -33.93 -18.29 -1.07
C PRO B 79 -32.70 -17.76 -1.81
N GLY B 80 -32.78 -16.61 -2.48
CA GLY B 80 -31.64 -16.02 -3.19
C GLY B 80 -30.52 -15.60 -2.26
N GLU B 81 -29.32 -15.50 -2.85
CA GLU B 81 -28.07 -14.97 -2.27
C GLU B 81 -28.27 -13.62 -1.60
N ASP B 82 -29.03 -12.69 -2.19
CA ASP B 82 -29.16 -11.31 -1.63
C ASP B 82 -29.93 -11.37 -0.31
N TYR B 83 -30.67 -12.42 -0.02
CA TYR B 83 -31.31 -12.56 1.33
C TYR B 83 -30.43 -13.37 2.29
N LYS B 84 -29.21 -13.77 1.91
CA LYS B 84 -28.38 -14.71 2.73
C LYS B 84 -27.03 -14.08 3.08
N LYS B 85 -26.83 -12.81 2.80
CA LYS B 85 -25.53 -12.14 3.03
C LYS B 85 -25.76 -10.63 3.00
N PHE B 86 -24.94 -9.92 3.75
CA PHE B 86 -24.92 -8.45 3.82
C PHE B 86 -23.66 -8.06 4.59
N SER B 87 -23.25 -6.81 4.44
CA SER B 87 -21.99 -6.26 5.00
C SER B 87 -22.31 -4.90 5.61
N VAL B 88 -21.56 -4.46 6.59
CA VAL B 88 -21.64 -3.14 7.27
C VAL B 88 -20.26 -2.53 7.11
N LYS B 89 -20.20 -1.32 6.57
CA LYS B 89 -18.95 -0.60 6.31
C LYS B 89 -18.88 0.58 7.26
N LEU B 90 -17.80 0.66 8.00
CA LEU B 90 -17.36 1.89 8.67
C LEU B 90 -16.26 2.42 7.76
N LEU B 91 -16.40 3.68 7.34
CA LEU B 91 -15.45 4.39 6.44
C LEU B 91 -14.91 5.61 7.21
N PHE B 92 -13.59 5.80 7.20
CA PHE B 92 -12.91 6.88 7.95
C PHE B 92 -11.96 7.64 7.06
N ASP B 93 -11.62 8.86 7.48
CA ASP B 93 -10.69 9.80 6.78
C ASP B 93 -9.40 9.87 7.59
N ALA B 94 -8.44 10.68 7.16
CA ALA B 94 -7.08 10.77 7.73
C ALA B 94 -7.11 11.32 9.16
N ASN B 95 -8.26 11.80 9.68
CA ASN B 95 -8.42 12.19 11.12
C ASN B 95 -9.06 11.06 11.92
N GLY B 96 -9.49 10.00 11.23
CA GLY B 96 -10.25 8.89 11.82
C GLY B 96 -11.73 9.19 12.03
N LYS B 97 -12.26 10.28 11.47
CA LYS B 97 -13.71 10.67 11.56
C LYS B 97 -14.47 9.84 10.53
N LEU B 98 -15.73 9.53 10.81
CA LEU B 98 -16.62 8.73 9.90
C LEU B 98 -16.99 9.54 8.65
N LEU B 99 -17.13 8.87 7.49
CA LEU B 99 -17.59 9.46 6.19
C LEU B 99 -19.03 9.05 5.87
N THR B 100 -19.59 9.63 4.80
CA THR B 100 -21.03 9.61 4.44
C THR B 100 -21.45 8.18 4.07
N GLY B 101 -20.69 7.51 3.20
CA GLY B 101 -21.04 6.15 2.71
C GLY B 101 -21.15 5.12 3.83
N SER B 102 -20.83 5.49 5.07
CA SER B 102 -20.76 4.52 6.20
C SER B 102 -22.15 3.96 6.47
N SER B 103 -22.26 2.64 6.55
CA SER B 103 -23.43 1.94 7.13
C SER B 103 -23.87 2.67 8.39
N LEU B 104 -22.92 3.12 9.19
CA LEU B 104 -23.23 3.61 10.55
C LEU B 104 -23.41 5.11 10.52
N ASP B 105 -24.47 5.59 11.14
CA ASP B 105 -24.75 7.02 11.37
C ASP B 105 -23.75 7.58 12.39
N GLY B 106 -22.85 8.44 11.93
CA GLY B 106 -21.76 9.01 12.72
C GLY B 106 -22.21 10.09 13.68
N ASN B 107 -23.44 10.03 14.20
CA ASN B 107 -24.07 11.10 15.00
C ASN B 107 -24.06 10.73 16.49
N TYR B 108 -24.16 9.44 16.87
CA TYR B 108 -23.82 8.94 18.25
C TYR B 108 -22.81 7.78 18.10
N TRP B 109 -21.67 8.19 17.54
CA TRP B 109 -20.39 7.44 17.43
C TRP B 109 -19.29 8.38 17.91
N ASN B 110 -18.93 8.31 19.20
CA ASN B 110 -18.01 9.28 19.83
C ASN B 110 -17.19 8.58 20.94
N TYR B 111 -16.10 9.20 21.37
CA TYR B 111 -15.30 8.82 22.54
C TYR B 111 -16.20 8.74 23.78
N LYS B 112 -15.90 7.80 24.68
CA LYS B 112 -16.74 7.56 25.87
C LYS B 112 -16.76 8.82 26.74
N ASN B 113 -17.91 9.14 27.31
CA ASN B 113 -18.08 10.05 28.47
C ASN B 113 -19.08 9.39 29.43
N LYS B 114 -18.62 8.97 30.61
CA LYS B 114 -19.41 8.14 31.58
C LYS B 114 -20.05 6.94 30.81
N ASP B 115 -21.36 6.69 30.96
CA ASP B 115 -22.08 5.59 30.23
C ASP B 115 -22.77 6.18 29.00
N SER B 116 -22.53 7.46 28.71
CA SER B 116 -23.12 8.23 27.56
C SER B 116 -21.99 8.54 26.55
N VAL B 117 -21.99 9.77 26.01
CA VAL B 117 -21.02 10.23 24.98
C VAL B 117 -20.72 11.73 25.22
N ILE B 118 -19.55 12.18 24.77
CA ILE B 118 -19.01 13.58 24.98
C ILE B 118 -19.84 14.60 24.18
N GLY B 119 -19.91 15.84 24.68
CA GLY B 119 -20.63 17.00 24.10
C GLY B 119 -20.37 17.22 22.61
N SER B 120 -19.10 17.42 22.22
CA SER B 120 -18.66 17.75 20.83
C SER B 120 -18.59 16.47 19.97
N PRO B 121 -18.78 16.49 18.61
CA PRO B 121 -18.52 15.31 17.76
C PRO B 121 -17.00 15.08 17.66
N TYR B 122 -16.50 13.90 17.30
CA TYR B 122 -15.27 13.36 17.96
C TYR B 122 -13.95 13.93 17.43
N GLU B 123 -13.92 14.88 16.49
CA GLU B 123 -12.66 15.53 16.00
C GLU B 123 -11.75 14.45 15.38
N ASN B 124 -10.49 14.34 15.82
CA ASN B 124 -9.51 13.34 15.31
C ASN B 124 -9.48 12.13 16.24
N ALA B 125 -9.53 10.91 15.69
CA ALA B 125 -9.36 9.62 16.42
C ALA B 125 -8.47 8.67 15.61
N VAL B 126 -7.37 9.18 15.06
CA VAL B 126 -6.40 8.36 14.27
C VAL B 126 -5.85 7.19 15.11
N PRO B 127 -5.64 7.36 16.44
CA PRO B 127 -5.11 6.26 17.27
C PRO B 127 -5.99 5.00 17.24
N PHE B 128 -7.26 5.11 16.87
CA PHE B 128 -8.27 4.02 16.92
C PHE B 128 -8.46 3.32 15.59
N MET B 129 -7.73 3.72 14.56
CA MET B 129 -7.85 3.20 13.18
C MET B 129 -7.02 1.94 13.02
N PRO B 130 -7.33 1.06 12.06
CA PRO B 130 -6.44 -0.04 11.70
C PRO B 130 -5.15 0.44 11.04
N ASN B 131 -4.03 -0.14 11.46
CA ASN B 131 -2.64 0.26 11.10
C ASN B 131 -2.39 0.07 9.58
N SER B 132 -1.97 1.13 8.88
CA SER B 132 -1.61 1.16 7.44
C SER B 132 -0.56 0.10 7.03
N THR B 133 0.58 0.08 7.70
CA THR B 133 1.66 -0.93 7.53
C THR B 133 1.14 -2.37 7.65
N ALA B 134 0.34 -2.66 8.68
CA ALA B 134 -0.09 -4.03 9.00
C ALA B 134 -1.13 -4.50 7.99
N TYR B 135 -2.13 -3.65 7.77
CA TYR B 135 -3.26 -3.88 6.84
C TYR B 135 -3.18 -2.84 5.74
N PRO B 136 -2.41 -3.06 4.64
CA PRO B 136 -2.28 -2.11 3.53
C PRO B 136 -3.15 -2.41 2.29
N LYS B 137 -3.40 -1.42 1.42
CA LYS B 137 -4.32 -1.57 0.23
C LYS B 137 -3.59 -2.40 -0.85
N ILE B 138 -4.34 -3.30 -1.49
CA ILE B 138 -3.86 -4.36 -2.44
C ILE B 138 -3.26 -3.66 -3.67
N ILE B 139 -2.16 -4.19 -4.23
CA ILE B 139 -1.64 -3.76 -5.57
C ILE B 139 -1.27 -5.03 -6.35
N ASN B 140 -0.46 -4.90 -7.42
CA ASN B 140 0.17 -6.00 -8.20
C ASN B 140 1.00 -6.90 -7.26
N ASN B 141 0.81 -8.22 -7.31
CA ASN B 141 1.60 -9.25 -6.57
C ASN B 141 2.39 -10.13 -7.56
N GLY B 142 3.60 -10.55 -7.17
CA GLY B 142 4.52 -11.37 -7.97
C GLY B 142 5.31 -12.33 -7.09
N THR B 143 5.82 -13.43 -7.65
CA THR B 143 6.56 -14.50 -6.91
C THR B 143 8.00 -14.04 -6.61
N ALA B 144 8.52 -13.03 -7.32
CA ALA B 144 9.81 -12.36 -6.97
C ALA B 144 9.71 -11.87 -5.52
N ASN B 145 10.74 -12.09 -4.70
CA ASN B 145 10.72 -11.83 -3.22
C ASN B 145 11.89 -10.95 -2.77
N PRO B 146 12.29 -9.85 -3.46
CA PRO B 146 13.08 -8.79 -2.79
C PRO B 146 12.45 -8.32 -1.47
N GLU B 147 11.13 -8.09 -1.45
CA GLU B 147 10.23 -7.97 -0.26
C GLU B 147 8.81 -8.40 -0.65
N ASP B 148 8.66 -8.79 -1.91
CA ASP B 148 7.51 -8.50 -2.81
C ASP B 148 6.46 -9.60 -2.60
N LYS B 149 5.81 -9.62 -1.43
CA LYS B 149 4.58 -10.40 -1.16
C LYS B 149 3.58 -9.52 -0.40
N LYS B 150 2.29 -9.67 -0.66
CA LYS B 150 1.25 -9.07 0.22
C LYS B 150 0.22 -10.15 0.54
N SER B 151 -0.09 -10.28 1.82
CA SER B 151 -1.14 -11.19 2.34
C SER B 151 -2.44 -10.40 2.37
N ALA B 152 -3.44 -10.80 1.59
CA ALA B 152 -4.80 -10.24 1.76
C ALA B 152 -5.32 -10.73 3.11
N ALA B 153 -5.22 -12.05 3.37
CA ALA B 153 -5.67 -12.75 4.60
C ALA B 153 -5.31 -11.97 5.88
N LYS B 154 -4.07 -11.50 6.01
CA LYS B 154 -3.62 -10.81 7.23
C LYS B 154 -4.65 -9.71 7.63
N LYS B 155 -5.40 -9.20 6.65
CA LYS B 155 -6.28 -8.00 6.78
C LYS B 155 -7.63 -8.44 7.32
N THR B 156 -7.77 -9.73 7.53
CA THR B 156 -9.06 -10.43 7.69
C THR B 156 -9.09 -11.15 9.04
N ILE B 157 -10.13 -10.99 9.85
CA ILE B 157 -10.47 -12.00 10.89
C ILE B 157 -11.75 -12.68 10.44
N VAL B 158 -11.75 -14.00 10.47
CA VAL B 158 -12.83 -14.89 9.98
C VAL B 158 -13.30 -15.74 11.15
N THR B 159 -14.58 -15.71 11.47
CA THR B 159 -15.19 -16.54 12.54
C THR B 159 -16.68 -16.60 12.27
N ASN B 160 -17.39 -17.43 13.00
CA ASN B 160 -18.88 -17.45 13.10
C ASN B 160 -19.38 -16.61 14.28
N VAL B 161 -20.54 -16.01 14.15
CA VAL B 161 -21.41 -15.52 15.26
C VAL B 161 -22.72 -16.30 15.14
N TYR B 162 -23.63 -16.18 16.10
CA TYR B 162 -24.75 -17.14 16.23
C TYR B 162 -26.02 -16.37 16.48
N LEU B 163 -27.01 -16.58 15.62
CA LEU B 163 -28.32 -15.87 15.67
C LEU B 163 -29.09 -16.32 16.89
N GLY B 164 -29.61 -15.38 17.66
CA GLY B 164 -30.40 -15.74 18.86
C GLY B 164 -29.46 -16.18 19.97
N GLY B 165 -28.13 -16.23 19.72
CA GLY B 165 -27.18 -16.91 20.61
C GLY B 165 -27.36 -18.43 20.67
N ASP B 166 -27.88 -19.03 19.60
CA ASP B 166 -28.12 -20.48 19.36
C ASP B 166 -26.94 -21.07 18.58
N ALA B 167 -26.28 -22.09 19.15
CA ALA B 167 -25.24 -22.96 18.53
C ALA B 167 -25.70 -23.47 17.15
N ALA B 168 -26.96 -23.85 17.01
CA ALA B 168 -27.61 -24.36 15.78
C ALA B 168 -27.71 -23.29 14.67
N LYS B 169 -27.34 -22.04 14.92
CA LYS B 169 -27.64 -20.99 13.92
C LYS B 169 -26.40 -20.17 13.67
N PRO B 170 -25.34 -20.78 13.09
CA PRO B 170 -24.11 -20.06 12.81
C PRO B 170 -24.29 -19.10 11.65
N VAL B 171 -23.55 -18.00 11.67
CA VAL B 171 -23.40 -17.07 10.52
C VAL B 171 -21.89 -16.83 10.30
N ALA B 172 -21.36 -17.09 9.10
CA ALA B 172 -19.92 -16.86 8.75
C ALA B 172 -19.64 -15.36 8.79
N THR B 173 -18.71 -14.90 9.61
CA THR B 173 -18.45 -13.45 9.79
C THR B 173 -17.04 -13.21 9.29
N THR B 174 -16.82 -12.16 8.52
CA THR B 174 -15.44 -11.74 8.21
C THR B 174 -15.35 -10.28 8.58
N ILE B 175 -14.32 -9.95 9.37
CA ILE B 175 -13.95 -8.56 9.70
C ILE B 175 -12.78 -8.22 8.80
N SER B 176 -12.74 -7.00 8.27
CA SER B 176 -11.69 -6.62 7.30
C SER B 176 -11.29 -5.17 7.48
N PHE B 177 -9.98 -4.95 7.47
CA PHE B 177 -9.35 -3.67 7.80
C PHE B 177 -8.79 -3.08 6.51
N ASN B 178 -9.14 -1.82 6.24
CA ASN B 178 -8.54 -0.96 5.20
C ASN B 178 -8.67 -1.69 3.86
N LYS B 179 -9.88 -2.10 3.50
CA LYS B 179 -10.22 -2.92 2.30
C LYS B 179 -11.07 -2.07 1.36
N GLU B 180 -11.97 -1.30 1.95
CA GLU B 180 -12.97 -0.52 1.22
C GLU B 180 -12.23 0.56 0.44
N THR B 181 -12.87 1.04 -0.62
CA THR B 181 -12.37 2.11 -1.52
C THR B 181 -13.41 3.25 -1.57
N GLU B 182 -14.64 2.98 -1.12
CA GLU B 182 -15.83 3.87 -1.20
C GLU B 182 -15.45 5.25 -0.60
N SER B 183 -15.86 6.35 -1.24
CA SER B 183 -15.76 7.76 -0.72
C SER B 183 -14.31 8.16 -0.38
N ASN B 184 -13.32 7.76 -1.19
CA ASN B 184 -11.88 8.11 -1.01
C ASN B 184 -11.43 7.91 0.46
N CYS B 185 -11.83 6.81 1.10
CA CYS B 185 -11.53 6.57 2.54
C CYS B 185 -10.06 6.21 2.69
N VAL B 186 -9.45 6.59 3.81
CA VAL B 186 -8.07 6.17 4.21
C VAL B 186 -8.19 4.85 4.99
N TYR B 187 -9.06 4.80 6.01
CA TYR B 187 -9.26 3.61 6.87
C TYR B 187 -10.70 3.11 6.77
N SER B 188 -10.84 1.81 7.06
CA SER B 188 -12.06 0.99 6.84
C SER B 188 -12.11 -0.17 7.83
N ILE B 189 -13.26 -0.37 8.43
CA ILE B 189 -13.64 -1.64 9.07
C ILE B 189 -14.91 -2.13 8.39
N THR B 190 -14.90 -3.39 7.95
CA THR B 190 -16.04 -4.02 7.29
C THR B 190 -16.40 -5.31 7.98
N PHE B 191 -17.65 -5.44 8.47
CA PHE B 191 -18.23 -6.73 8.95
C PHE B 191 -19.07 -7.33 7.80
N ASP B 192 -18.63 -8.50 7.26
CA ASP B 192 -19.34 -9.31 6.23
C ASP B 192 -20.04 -10.50 6.90
N PHE B 193 -21.36 -10.62 6.70
CA PHE B 193 -22.20 -11.74 7.18
C PHE B 193 -22.71 -12.55 5.98
N ALA B 194 -22.78 -13.87 6.17
CA ALA B 194 -23.12 -14.89 5.15
C ALA B 194 -23.49 -16.19 5.86
N TRP B 195 -24.57 -16.85 5.42
CA TRP B 195 -25.08 -18.16 5.89
C TRP B 195 -25.54 -18.99 4.70
N ASN B 196 -25.47 -20.31 4.86
CA ASN B 196 -25.99 -21.36 3.95
C ASN B 196 -27.26 -21.95 4.55
N LYS B 197 -27.37 -22.00 5.87
CA LYS B 197 -28.52 -22.71 6.47
C LYS B 197 -29.75 -21.94 5.96
N THR B 198 -30.89 -22.58 5.78
CA THR B 198 -32.14 -21.87 5.44
C THR B 198 -32.87 -21.61 6.76
N TYR B 199 -32.65 -20.42 7.32
CA TYR B 199 -33.38 -19.90 8.49
C TYR B 199 -34.82 -19.55 8.06
N LYS B 200 -35.75 -19.87 8.97
CA LYS B 200 -37.20 -19.69 8.87
C LYS B 200 -37.64 -18.80 10.03
N ASN B 201 -37.83 -17.49 9.80
CA ASN B 201 -38.42 -16.52 10.74
C ASN B 201 -37.45 -16.37 11.90
N VAL B 202 -36.23 -15.95 11.57
CA VAL B 202 -35.10 -15.68 12.49
C VAL B 202 -34.69 -14.22 12.31
N PRO B 203 -34.96 -13.38 13.31
CA PRO B 203 -34.36 -12.05 13.29
C PRO B 203 -32.84 -12.12 13.23
N PHE B 204 -32.23 -11.21 12.50
CA PHE B 204 -30.76 -11.09 12.53
C PHE B 204 -30.36 -10.44 13.84
N ASP B 205 -29.87 -11.25 14.74
CA ASP B 205 -29.52 -10.78 16.10
C ASP B 205 -28.32 -11.61 16.55
N SER B 206 -27.11 -11.07 16.37
CA SER B 206 -25.85 -11.82 16.47
C SER B 206 -25.36 -11.85 17.91
N SER B 207 -24.99 -13.03 18.37
CA SER B 207 -24.09 -13.23 19.55
C SER B 207 -22.91 -12.30 19.41
N SER B 208 -22.41 -11.77 20.51
CA SER B 208 -21.22 -10.88 20.58
C SER B 208 -19.96 -11.61 20.11
N LEU B 209 -19.11 -10.76 19.54
CA LEU B 209 -17.82 -11.14 18.94
C LEU B 209 -16.74 -10.26 19.55
N THR B 210 -15.75 -10.86 20.21
CA THR B 210 -14.52 -10.13 20.63
C THR B 210 -13.46 -10.19 19.52
N PHE B 211 -12.71 -9.13 19.30
CA PHE B 211 -11.59 -9.19 18.31
C PHE B 211 -10.62 -8.07 18.62
N SER B 212 -9.43 -8.14 18.06
CA SER B 212 -8.37 -7.13 18.31
C SER B 212 -7.72 -6.80 16.99
N TYR B 213 -7.08 -5.65 16.85
CA TYR B 213 -6.23 -5.41 15.66
C TYR B 213 -5.15 -4.40 16.04
N ILE B 214 -4.15 -4.24 15.18
CA ILE B 214 -3.04 -3.27 15.42
C ILE B 214 -3.53 -1.87 15.09
N ALA B 215 -3.36 -0.92 16.00
CA ALA B 215 -3.76 0.50 15.92
C ALA B 215 -2.79 1.29 15.03
N GLN B 216 -3.28 2.37 14.42
CA GLN B 216 -2.43 3.38 13.71
C GLN B 216 -1.68 4.18 14.79
N ASP B 217 -0.40 4.47 14.58
CA ASP B 217 0.44 5.18 15.58
C ASP B 217 0.08 6.66 15.56
N ALA B 218 -0.37 7.21 16.70
CA ALA B 218 -0.71 8.66 16.92
C ALA B 218 0.53 9.52 16.70
N GLU B 219 0.40 10.85 16.65
CA GLU B 219 1.54 11.82 16.66
C GLU B 219 1.29 12.93 17.68
N GLU C 20 7.69 4.86 25.55
CA GLU C 20 6.53 5.44 26.28
C GLU C 20 5.57 4.31 26.65
N ASN C 21 4.51 4.12 25.84
CA ASN C 21 3.49 3.03 25.90
C ASN C 21 3.90 1.90 24.95
N ASP C 22 5.11 1.98 24.38
CA ASP C 22 5.68 0.96 23.46
C ASP C 22 6.51 -0.02 24.30
N ARG C 23 6.74 0.31 25.58
CA ARG C 23 7.31 -0.61 26.62
C ARG C 23 6.31 -1.75 26.88
N ARG C 24 5.00 -1.46 26.68
CA ARG C 24 3.89 -2.42 26.87
C ARG C 24 3.77 -3.35 25.68
N THR C 25 4.48 -3.12 24.59
CA THR C 25 4.33 -3.94 23.35
C THR C 25 5.66 -4.63 23.03
N LEU C 26 5.65 -5.93 22.74
CA LEU C 26 6.79 -6.69 22.18
C LEU C 26 6.29 -7.41 20.93
N TRP C 27 6.86 -7.22 19.72
CA TRP C 27 5.95 -7.47 18.55
C TRP C 27 6.59 -7.79 17.20
N THR C 28 7.81 -8.27 17.06
CA THR C 28 8.37 -8.37 15.68
C THR C 28 8.12 -7.01 14.99
N THR C 29 7.56 -6.97 13.82
CA THR C 29 7.12 -5.66 13.29
C THR C 29 5.70 -5.83 12.73
N PRO C 30 4.87 -4.77 12.72
CA PRO C 30 3.59 -4.79 11.99
C PRO C 30 3.73 -5.38 10.58
N ASP C 31 4.80 -5.08 9.85
CA ASP C 31 5.05 -5.63 8.48
C ASP C 31 6.47 -6.18 8.36
N PRO C 32 6.72 -7.47 8.67
CA PRO C 32 8.07 -8.04 8.61
C PRO C 32 8.53 -8.63 7.27
N GLU C 33 9.81 -8.41 6.93
CA GLU C 33 10.68 -9.26 6.06
C GLU C 33 10.48 -10.72 6.46
N ALA C 34 10.69 -11.67 5.56
CA ALA C 34 10.67 -13.11 5.87
C ALA C 34 11.55 -13.29 7.11
N ASN C 35 10.97 -13.79 8.20
CA ASN C 35 11.58 -13.74 9.55
C ASN C 35 11.41 -15.06 10.29
N CYS C 36 10.95 -16.12 9.62
CA CYS C 36 10.41 -17.32 10.30
C CYS C 36 10.71 -18.55 9.45
N LYS C 37 10.81 -19.72 10.08
CA LYS C 37 11.13 -21.02 9.43
C LYS C 37 10.01 -22.02 9.75
N VAL C 38 9.26 -22.36 8.73
CA VAL C 38 8.18 -23.40 8.75
C VAL C 38 8.80 -24.70 8.25
N SER C 39 9.42 -24.63 7.06
CA SER C 39 10.08 -25.76 6.38
C SER C 39 11.56 -25.42 6.15
N GLU C 40 11.90 -24.29 5.52
CA GLU C 40 13.32 -23.84 5.34
C GLU C 40 13.53 -22.44 5.94
N GLU C 41 14.79 -22.11 6.26
CA GLU C 41 15.28 -20.78 6.73
C GLU C 41 14.53 -19.64 6.02
N LYS C 42 13.94 -18.71 6.77
CA LYS C 42 13.32 -17.44 6.28
C LYS C 42 12.29 -17.72 5.17
N ASP C 43 11.40 -18.71 5.34
CA ASP C 43 10.41 -19.14 4.30
C ASP C 43 8.99 -18.60 4.60
N SER C 44 8.82 -17.78 5.63
CA SER C 44 7.50 -17.34 6.12
C SER C 44 7.63 -15.97 6.78
N LYS C 45 6.56 -15.17 6.79
CA LYS C 45 6.52 -13.86 7.48
C LYS C 45 5.53 -13.95 8.63
N LEU C 46 6.02 -14.12 9.85
CA LEU C 46 5.20 -14.23 11.09
C LEU C 46 4.97 -12.82 11.63
N THR C 47 3.70 -12.40 11.68
CA THR C 47 3.31 -11.18 12.39
C THR C 47 2.78 -11.64 13.74
N LEU C 48 3.40 -11.18 14.82
CA LEU C 48 3.01 -11.52 16.20
C LEU C 48 3.13 -10.25 17.04
N VAL C 49 2.05 -9.76 17.64
CA VAL C 49 2.12 -8.61 18.59
C VAL C 49 1.64 -9.14 19.95
N LEU C 50 2.32 -8.75 21.02
CA LEU C 50 2.04 -9.15 22.42
C LEU C 50 1.96 -7.85 23.21
N THR C 51 0.80 -7.53 23.76
CA THR C 51 0.57 -6.27 24.51
C THR C 51 0.22 -6.60 25.95
N LYS C 52 0.70 -5.82 26.91
CA LYS C 52 0.36 -5.99 28.33
C LYS C 52 -0.96 -5.28 28.62
N CYS C 53 -2.06 -6.03 28.68
CA CYS C 53 -3.35 -5.69 29.35
C CYS C 53 -3.21 -6.32 30.75
N GLY C 54 -2.81 -5.53 31.76
CA GLY C 54 -2.46 -5.97 33.12
C GLY C 54 -1.88 -7.38 33.22
N SER C 55 -2.59 -8.24 33.96
CA SER C 55 -2.20 -9.61 34.35
C SER C 55 -2.21 -10.51 33.12
N GLN C 56 -2.69 -9.98 31.99
CA GLN C 56 -2.80 -10.80 30.76
C GLN C 56 -2.06 -10.15 29.61
N ILE C 57 -1.73 -10.98 28.65
CA ILE C 57 -1.16 -10.55 27.37
C ILE C 57 -2.25 -10.77 26.32
N LEU C 58 -2.56 -9.72 25.57
CA LEU C 58 -3.44 -9.75 24.39
C LEU C 58 -2.52 -9.84 23.15
N ALA C 59 -2.62 -10.92 22.36
CA ALA C 59 -1.76 -11.17 21.20
C ALA C 59 -2.61 -11.15 19.93
N SER C 60 -1.98 -10.76 18.84
CA SER C 60 -2.53 -10.98 17.48
C SER C 60 -1.45 -11.69 16.66
N VAL C 61 -1.82 -12.59 15.75
CA VAL C 61 -0.88 -13.41 14.93
C VAL C 61 -1.46 -13.59 13.52
N SER C 62 -0.58 -13.49 12.53
CA SER C 62 -0.71 -13.92 11.12
C SER C 62 0.57 -14.63 10.68
N LEU C 63 0.43 -15.48 9.65
CA LEU C 63 1.51 -16.28 9.07
C LEU C 63 1.27 -16.36 7.56
N LEU C 64 2.05 -15.66 6.75
CA LEU C 64 2.10 -15.83 5.27
C LEU C 64 3.35 -16.64 4.95
N VAL C 65 3.26 -17.88 4.47
CA VAL C 65 4.52 -18.58 4.09
C VAL C 65 4.81 -18.23 2.61
N VAL C 66 6.05 -17.81 2.33
CA VAL C 66 6.43 -17.14 1.05
C VAL C 66 7.20 -18.10 0.11
N LYS C 67 7.74 -19.23 0.62
CA LYS C 67 8.55 -20.18 -0.20
C LYS C 67 8.62 -21.54 0.53
N GLY C 68 9.04 -22.57 -0.21
CA GLY C 68 9.11 -23.96 0.28
C GLY C 68 7.75 -24.66 0.29
N LYS C 69 7.63 -25.70 1.12
CA LYS C 69 6.66 -26.83 1.04
C LYS C 69 5.22 -26.34 1.33
N PHE C 70 5.06 -25.27 2.10
CA PHE C 70 3.72 -24.78 2.51
C PHE C 70 3.35 -23.50 1.76
N ALA C 71 4.17 -23.05 0.80
CA ALA C 71 3.97 -21.76 0.11
C ALA C 71 2.91 -21.90 -0.99
N ASN C 72 2.71 -23.11 -1.53
CA ASN C 72 1.61 -23.43 -2.49
C ASN C 72 1.09 -24.86 -2.21
N ILE C 73 0.30 -25.05 -1.15
CA ILE C 73 -0.23 -26.39 -0.69
C ILE C 73 -0.84 -27.14 -1.87
N ASN C 74 -0.39 -28.39 -2.13
CA ASN C 74 -1.06 -29.29 -3.12
C ASN C 74 -1.15 -30.72 -2.60
N ASN C 75 -2.21 -31.03 -1.83
CA ASN C 75 -2.40 -32.38 -1.21
C ASN C 75 -2.81 -33.41 -2.27
N LYS C 76 -3.27 -32.98 -3.44
CA LYS C 76 -3.56 -33.92 -4.57
C LYS C 76 -2.23 -34.60 -4.87
N THR C 77 -1.21 -33.80 -5.21
CA THR C 77 0.11 -34.27 -5.71
C THR C 77 0.87 -34.89 -4.52
N ASN C 78 0.74 -34.32 -3.31
CA ASN C 78 1.43 -34.76 -2.06
C ASN C 78 0.40 -35.11 -0.98
N PRO C 79 -0.08 -36.38 -0.91
CA PRO C 79 -1.20 -36.73 -0.06
C PRO C 79 -0.85 -36.91 1.43
N GLY C 80 0.45 -36.87 1.75
CA GLY C 80 1.00 -37.37 3.03
C GLY C 80 0.82 -36.42 4.20
N GLU C 81 0.81 -36.98 5.41
CA GLU C 81 0.90 -36.32 6.74
C GLU C 81 1.78 -35.05 6.71
N ASP C 82 3.06 -35.15 6.33
CA ASP C 82 4.07 -34.09 6.61
C ASP C 82 3.79 -32.87 5.72
N TYR C 83 2.97 -33.04 4.67
CA TYR C 83 2.50 -31.95 3.78
C TYR C 83 1.22 -31.31 4.34
N LYS C 84 0.61 -31.87 5.41
CA LYS C 84 -0.77 -31.55 5.86
C LYS C 84 -0.77 -30.93 7.27
N LYS C 85 0.42 -30.73 7.84
CA LYS C 85 0.64 -29.99 9.12
C LYS C 85 2.05 -29.40 9.23
N PHE C 86 2.17 -28.42 10.09
CA PHE C 86 3.47 -27.89 10.55
C PHE C 86 3.23 -27.08 11.82
N SER C 87 4.37 -26.64 12.38
CA SER C 87 4.47 -26.14 13.76
C SER C 87 5.48 -24.99 13.82
N VAL C 88 5.22 -23.96 14.63
CA VAL C 88 6.06 -22.73 14.77
C VAL C 88 6.33 -22.54 16.27
N LYS C 89 7.60 -22.71 16.69
CA LYS C 89 8.00 -22.66 18.13
C LYS C 89 8.78 -21.37 18.39
N LEU C 90 8.35 -20.62 19.39
CA LEU C 90 9.11 -19.50 19.98
C LEU C 90 9.60 -20.02 21.32
N LEU C 91 10.92 -19.94 21.56
CA LEU C 91 11.61 -20.56 22.72
C LEU C 91 12.25 -19.44 23.51
N PHE C 92 11.84 -19.20 24.76
CA PHE C 92 12.44 -18.12 25.60
C PHE C 92 13.28 -18.73 26.74
N ASP C 93 14.30 -18.00 27.19
CA ASP C 93 15.05 -18.36 28.42
C ASP C 93 14.44 -17.60 29.60
N ALA C 94 15.14 -17.58 30.72
CA ALA C 94 14.70 -17.06 32.04
C ALA C 94 14.43 -15.57 31.92
N ASN C 95 15.12 -14.89 31.01
CA ASN C 95 15.05 -13.41 30.86
C ASN C 95 14.04 -13.09 29.73
N GLY C 96 13.43 -14.09 29.13
CA GLY C 96 12.43 -13.91 28.08
C GLY C 96 13.04 -13.61 26.72
N LYS C 97 14.37 -13.66 26.62
CA LYS C 97 15.13 -13.64 25.35
C LYS C 97 14.87 -14.93 24.58
N LEU C 98 14.91 -14.80 23.24
CA LEU C 98 14.54 -15.80 22.20
C LEU C 98 15.77 -16.68 21.98
N LEU C 99 15.61 -18.00 22.12
CA LEU C 99 16.67 -19.04 21.94
C LEU C 99 16.84 -19.42 20.46
N THR C 100 17.98 -20.03 20.13
CA THR C 100 18.37 -20.40 18.74
C THR C 100 17.41 -21.42 18.15
N GLY C 101 17.02 -22.47 18.89
CA GLY C 101 16.11 -23.50 18.34
C GLY C 101 14.82 -22.93 17.70
N SER C 102 14.52 -21.62 17.86
CA SER C 102 13.15 -21.07 17.61
C SER C 102 12.90 -21.02 16.10
N SER C 103 11.63 -21.10 15.70
CA SER C 103 11.23 -21.00 14.27
C SER C 103 11.42 -19.54 13.84
N LEU C 104 11.06 -18.58 14.70
CA LEU C 104 11.22 -17.11 14.48
C LEU C 104 12.67 -16.72 14.73
N ASP C 105 13.19 -15.75 13.98
CA ASP C 105 14.56 -15.21 14.14
C ASP C 105 14.44 -13.88 14.89
N GLY C 106 15.39 -13.62 15.79
CA GLY C 106 15.28 -12.55 16.81
C GLY C 106 15.75 -11.21 16.30
N ASN C 107 16.21 -11.14 15.04
CA ASN C 107 16.80 -9.89 14.49
C ASN C 107 15.78 -8.77 14.73
N TYR C 108 14.51 -8.99 14.35
CA TYR C 108 13.46 -7.95 14.39
C TYR C 108 12.40 -8.42 15.38
N TRP C 109 12.83 -9.06 16.48
CA TRP C 109 11.89 -9.41 17.58
C TRP C 109 12.30 -8.62 18.81
N ASN C 110 11.44 -7.71 19.28
CA ASN C 110 11.90 -6.62 20.18
C ASN C 110 10.71 -5.69 20.49
N TYR C 111 10.86 -4.88 21.54
CA TYR C 111 9.94 -3.79 21.94
C TYR C 111 9.67 -2.82 20.80
N LYS C 112 8.59 -2.08 20.98
CA LYS C 112 8.01 -1.13 20.00
C LYS C 112 8.69 0.23 20.15
N ASN C 113 9.16 0.76 19.03
CA ASN C 113 9.59 2.16 18.85
C ASN C 113 8.78 2.73 17.68
N LYS C 114 7.78 3.58 17.93
CA LYS C 114 6.94 4.22 16.87
C LYS C 114 6.33 3.10 16.01
N ASP C 115 6.71 2.91 14.74
CA ASP C 115 6.18 1.81 13.88
C ASP C 115 7.22 0.67 13.81
N SER C 116 8.26 0.71 14.63
CA SER C 116 9.41 -0.23 14.60
C SER C 116 9.75 -0.73 16.01
N VAL C 117 10.98 -1.22 16.14
CA VAL C 117 11.64 -1.70 17.39
C VAL C 117 12.67 -0.66 17.86
N ILE C 118 13.16 -0.85 19.08
CA ILE C 118 14.39 -0.20 19.63
C ILE C 118 15.59 -0.86 18.94
N GLY C 119 16.63 -0.09 18.57
CA GLY C 119 17.82 -0.62 17.87
C GLY C 119 18.41 -1.84 18.58
N SER C 120 18.76 -1.70 19.86
CA SER C 120 19.52 -2.71 20.64
C SER C 120 18.59 -3.79 21.17
N PRO C 121 18.95 -5.09 21.00
CA PRO C 121 18.15 -6.23 21.52
C PRO C 121 17.87 -6.18 23.03
N TYR C 122 16.71 -6.68 23.45
CA TYR C 122 16.23 -6.45 24.85
C TYR C 122 16.97 -7.38 25.82
N GLU C 123 17.11 -6.90 27.05
CA GLU C 123 17.66 -7.67 28.19
C GLU C 123 16.58 -8.54 28.82
N ASN C 124 15.36 -8.04 28.96
CA ASN C 124 14.39 -8.67 29.89
C ASN C 124 12.95 -8.43 29.38
N ALA C 125 12.25 -9.50 29.01
CA ALA C 125 10.83 -9.44 28.62
C ALA C 125 10.01 -10.45 29.44
N VAL C 126 10.52 -10.85 30.62
CA VAL C 126 9.84 -11.90 31.45
C VAL C 126 8.34 -11.59 31.60
N PRO C 127 7.91 -10.32 31.77
CA PRO C 127 6.49 -10.02 31.98
C PRO C 127 5.55 -10.22 30.77
N PHE C 128 6.12 -10.60 29.62
CA PHE C 128 5.39 -11.01 28.39
C PHE C 128 5.35 -12.53 28.30
N MET C 129 5.98 -13.22 29.23
CA MET C 129 6.11 -14.69 29.07
C MET C 129 4.84 -15.30 29.63
N PRO C 130 4.49 -16.54 29.23
CA PRO C 130 3.36 -17.23 29.82
C PRO C 130 3.66 -17.69 31.26
N ASN C 131 2.73 -17.46 32.18
CA ASN C 131 2.79 -17.68 33.65
C ASN C 131 3.09 -19.15 33.95
N SER C 132 4.28 -19.43 34.51
CA SER C 132 4.79 -20.74 35.03
C SER C 132 3.74 -21.48 35.84
N THR C 133 3.03 -20.75 36.70
CA THR C 133 1.99 -21.28 37.64
C THR C 133 0.76 -21.72 36.84
N ALA C 134 0.30 -20.89 35.90
CA ALA C 134 -0.95 -21.16 35.15
C ALA C 134 -0.65 -22.28 34.20
N TYR C 135 0.54 -22.22 33.62
CA TYR C 135 0.96 -23.12 32.52
C TYR C 135 2.33 -23.70 32.88
N PRO C 136 2.34 -24.68 33.80
CA PRO C 136 3.60 -25.33 34.20
C PRO C 136 4.05 -26.52 33.32
N LYS C 137 5.36 -26.79 33.40
CA LYS C 137 6.04 -28.04 32.90
C LYS C 137 5.38 -29.27 33.52
N ILE C 138 5.01 -30.24 32.70
CA ILE C 138 4.41 -31.53 33.15
C ILE C 138 5.29 -32.62 32.54
N ILE C 139 6.02 -33.38 33.35
CA ILE C 139 6.86 -34.53 32.88
C ILE C 139 5.92 -35.72 32.62
N ASN C 140 5.79 -36.16 31.36
CA ASN C 140 4.66 -37.03 30.94
C ASN C 140 4.99 -38.47 31.33
N ASN C 141 4.42 -38.90 32.47
CA ASN C 141 4.53 -40.25 33.09
C ASN C 141 3.11 -40.68 33.50
N GLY C 142 2.79 -41.99 33.53
CA GLY C 142 1.52 -42.47 34.13
C GLY C 142 1.34 -41.89 35.53
N THR C 143 0.33 -41.02 35.75
CA THR C 143 0.08 -40.28 37.02
C THR C 143 -1.35 -40.55 37.54
N ALA C 144 -1.44 -41.12 38.75
CA ALA C 144 -2.68 -41.38 39.53
C ALA C 144 -3.20 -40.07 40.16
N ASN C 145 -4.36 -40.16 40.83
CA ASN C 145 -4.99 -39.07 41.63
C ASN C 145 -5.23 -37.82 40.78
N PRO C 146 -6.33 -37.77 39.99
CA PRO C 146 -6.65 -36.59 39.18
C PRO C 146 -6.92 -35.30 39.98
N GLU C 147 -7.11 -35.44 41.30
CA GLU C 147 -7.51 -34.34 42.22
C GLU C 147 -6.35 -33.36 42.47
N ASP C 148 -5.14 -33.62 41.97
CA ASP C 148 -4.09 -32.56 41.90
C ASP C 148 -3.13 -32.79 40.70
N LYS C 149 -3.49 -33.66 39.76
CA LYS C 149 -2.80 -33.67 38.45
C LYS C 149 -3.00 -32.30 37.81
N LYS C 150 -1.92 -31.69 37.33
CA LYS C 150 -1.93 -30.39 36.63
C LYS C 150 -2.35 -30.66 35.18
N SER C 151 -3.17 -29.74 34.66
CA SER C 151 -3.94 -29.87 33.41
C SER C 151 -3.07 -29.47 32.22
N ALA C 152 -3.01 -30.32 31.19
CA ALA C 152 -2.28 -30.00 29.94
C ALA C 152 -3.17 -29.15 29.03
N ALA C 153 -4.47 -29.45 28.97
CA ALA C 153 -5.51 -28.65 28.24
C ALA C 153 -5.42 -27.13 28.54
N LYS C 154 -5.33 -26.75 29.83
CA LYS C 154 -5.27 -25.34 30.27
C LYS C 154 -4.24 -24.55 29.47
N LYS C 155 -3.18 -25.20 29.05
CA LYS C 155 -1.98 -24.58 28.43
C LYS C 155 -2.24 -24.42 26.94
N THR C 156 -3.45 -24.71 26.51
CA THR C 156 -3.80 -24.83 25.07
C THR C 156 -5.02 -23.94 24.73
N ILE C 157 -4.90 -23.15 23.67
CA ILE C 157 -6.03 -22.54 22.91
C ILE C 157 -6.19 -23.25 21.57
N VAL C 158 -7.37 -23.84 21.34
CA VAL C 158 -7.75 -24.53 20.08
C VAL C 158 -8.78 -23.68 19.34
N THR C 159 -8.51 -23.39 18.08
CA THR C 159 -9.32 -22.49 17.23
C THR C 159 -8.92 -22.80 15.79
N ASN C 160 -9.42 -22.03 14.84
CA ASN C 160 -9.23 -22.24 13.38
C ASN C 160 -8.69 -20.93 12.83
N VAL C 161 -7.71 -20.95 11.95
CA VAL C 161 -7.50 -19.83 10.99
C VAL C 161 -8.00 -20.27 9.61
N TYR C 162 -8.20 -19.33 8.72
CA TYR C 162 -8.82 -19.60 7.40
C TYR C 162 -7.83 -19.10 6.36
N LEU C 163 -7.47 -19.95 5.43
CA LEU C 163 -6.44 -19.63 4.41
C LEU C 163 -7.07 -18.69 3.37
N GLY C 164 -6.41 -17.59 3.05
CA GLY C 164 -6.90 -16.62 2.06
C GLY C 164 -7.94 -15.70 2.66
N GLY C 165 -8.24 -15.89 3.95
CA GLY C 165 -9.40 -15.30 4.64
C GLY C 165 -10.72 -15.82 4.09
N ASP C 166 -10.74 -17.09 3.65
CA ASP C 166 -11.91 -17.84 3.07
C ASP C 166 -12.39 -18.89 4.10
N ALA C 167 -13.67 -18.83 4.46
CA ALA C 167 -14.40 -19.71 5.40
C ALA C 167 -14.37 -21.17 4.92
N ALA C 168 -14.31 -21.43 3.62
CA ALA C 168 -14.25 -22.80 3.06
C ALA C 168 -12.89 -23.46 3.33
N LYS C 169 -11.83 -22.70 3.65
CA LYS C 169 -10.42 -23.20 3.78
C LYS C 169 -9.92 -23.10 5.24
N PRO C 170 -10.50 -23.88 6.18
CA PRO C 170 -10.06 -23.91 7.56
C PRO C 170 -8.77 -24.72 7.79
N VAL C 171 -7.98 -24.23 8.74
CA VAL C 171 -6.78 -24.87 9.36
C VAL C 171 -6.98 -24.89 10.88
N ALA C 172 -7.12 -26.09 11.44
CA ALA C 172 -7.06 -26.38 12.89
C ALA C 172 -5.76 -25.78 13.47
N THR C 173 -5.87 -24.89 14.47
CA THR C 173 -4.75 -24.13 15.11
C THR C 173 -4.71 -24.35 16.63
N THR C 174 -3.61 -24.90 17.14
CA THR C 174 -3.39 -25.16 18.61
C THR C 174 -2.33 -24.16 19.05
N ILE C 175 -2.63 -23.41 20.09
CA ILE C 175 -1.64 -22.47 20.67
C ILE C 175 -1.33 -23.08 22.02
N SER C 176 -0.08 -23.48 22.19
CA SER C 176 0.40 -24.16 23.42
C SER C 176 1.36 -23.22 24.11
N PHE C 177 1.22 -23.06 25.43
CA PHE C 177 2.15 -22.30 26.31
C PHE C 177 3.00 -23.27 27.12
N ASN C 178 4.32 -23.01 27.20
CA ASN C 178 5.25 -23.69 28.13
C ASN C 178 5.19 -25.21 27.90
N LYS C 179 5.17 -25.59 26.63
CA LYS C 179 4.99 -26.99 26.15
C LYS C 179 6.35 -27.59 25.76
N GLU C 180 7.29 -26.77 25.27
CA GLU C 180 8.50 -27.29 24.59
C GLU C 180 9.54 -27.69 25.64
N THR C 181 10.40 -28.65 25.30
CA THR C 181 11.50 -29.14 26.16
C THR C 181 12.84 -28.59 25.59
N GLU C 182 12.88 -28.31 24.29
CA GLU C 182 14.04 -27.83 23.47
C GLU C 182 14.84 -26.68 24.10
N SER C 183 16.19 -26.78 24.01
CA SER C 183 17.22 -25.71 24.21
C SER C 183 17.29 -25.19 25.66
N ASN C 184 16.83 -25.96 26.65
CA ASN C 184 16.58 -25.49 28.05
C ASN C 184 15.79 -24.18 28.04
N CYS C 185 14.67 -24.22 27.36
CA CYS C 185 13.67 -23.13 27.38
C CYS C 185 12.91 -23.24 28.69
N VAL C 186 12.65 -22.11 29.29
CA VAL C 186 11.79 -21.96 30.50
C VAL C 186 10.37 -21.69 30.05
N TYR C 187 10.24 -20.95 28.97
CA TYR C 187 8.94 -20.49 28.43
C TYR C 187 8.93 -20.82 26.94
N SER C 188 7.73 -21.06 26.39
CA SER C 188 7.47 -21.31 24.96
C SER C 188 6.06 -20.87 24.53
N ILE C 189 5.91 -20.60 23.26
CA ILE C 189 4.62 -20.34 22.56
C ILE C 189 4.73 -21.11 21.23
N THR C 190 3.88 -22.11 21.07
CA THR C 190 3.92 -23.04 19.96
C THR C 190 2.60 -22.89 19.19
N PHE C 191 2.70 -22.52 17.91
CA PHE C 191 1.56 -22.53 16.95
C PHE C 191 1.63 -23.83 16.14
N ASP C 192 0.65 -24.72 16.36
CA ASP C 192 0.39 -25.95 15.55
C ASP C 192 -0.77 -25.71 14.55
N PHE C 193 -0.43 -25.81 13.27
CA PHE C 193 -1.37 -25.69 12.13
C PHE C 193 -1.48 -27.08 11.51
N ALA C 194 -2.69 -27.62 11.37
CA ALA C 194 -2.98 -28.92 10.72
C ALA C 194 -4.28 -28.81 9.89
N TRP C 195 -4.40 -29.52 8.78
CA TRP C 195 -5.70 -29.54 8.06
C TRP C 195 -5.99 -30.92 7.48
N ASN C 196 -7.26 -31.35 7.55
CA ASN C 196 -7.77 -32.66 7.05
C ASN C 196 -8.15 -32.52 5.56
N LYS C 197 -8.65 -31.35 5.14
CA LYS C 197 -9.14 -31.07 3.76
C LYS C 197 -7.96 -31.14 2.78
N THR C 198 -8.19 -31.57 1.55
CA THR C 198 -7.10 -31.73 0.56
C THR C 198 -7.14 -30.50 -0.37
N TYR C 199 -6.22 -29.55 -0.17
CA TYR C 199 -6.17 -28.21 -0.81
C TYR C 199 -5.37 -28.27 -2.13
N LYS C 200 -5.95 -27.74 -3.21
CA LYS C 200 -5.36 -27.68 -4.58
C LYS C 200 -4.84 -26.26 -4.86
N ASN C 201 -3.51 -26.09 -4.78
CA ASN C 201 -2.79 -24.82 -5.05
C ASN C 201 -3.36 -23.71 -4.17
N VAL C 202 -3.22 -23.81 -2.85
CA VAL C 202 -3.63 -22.72 -1.91
C VAL C 202 -2.38 -22.24 -1.19
N PRO C 203 -2.00 -20.95 -1.32
CA PRO C 203 -0.88 -20.43 -0.53
C PRO C 203 -1.26 -20.49 0.97
N PHE C 204 -0.43 -21.09 1.83
CA PHE C 204 -0.61 -20.95 3.30
C PHE C 204 -0.43 -19.46 3.65
N ASP C 205 -1.59 -18.82 3.84
CA ASP C 205 -1.79 -17.35 3.98
C ASP C 205 -2.93 -17.17 4.98
N SER C 206 -2.63 -16.92 6.25
CA SER C 206 -3.64 -17.07 7.32
C SER C 206 -4.39 -15.74 7.51
N SER C 207 -5.69 -15.86 7.82
CA SER C 207 -6.44 -14.85 8.61
C SER C 207 -5.72 -14.62 9.94
N SER C 208 -5.80 -13.37 10.42
CA SER C 208 -5.41 -12.89 11.77
C SER C 208 -6.33 -13.50 12.84
N LEU C 209 -5.68 -13.86 13.95
CA LEU C 209 -6.18 -14.59 15.14
C LEU C 209 -5.81 -13.80 16.39
N THR C 210 -6.81 -13.50 17.22
CA THR C 210 -6.72 -12.87 18.55
C THR C 210 -6.78 -13.97 19.61
N PHE C 211 -5.98 -13.82 20.65
CA PHE C 211 -5.87 -14.80 21.75
C PHE C 211 -5.33 -14.01 22.95
N SER C 212 -5.51 -14.48 24.19
CA SER C 212 -4.82 -13.90 25.36
C SER C 212 -4.16 -15.01 26.18
N TYR C 213 -3.26 -14.67 27.08
CA TYR C 213 -2.83 -15.65 28.11
C TYR C 213 -2.49 -14.93 29.42
N ILE C 214 -2.39 -15.72 30.49
CA ILE C 214 -1.92 -15.19 31.79
C ILE C 214 -0.40 -14.95 31.70
N ALA C 215 0.02 -13.76 32.07
CA ALA C 215 1.43 -13.29 32.02
C ALA C 215 2.19 -13.65 33.31
N GLN C 216 3.51 -13.85 33.22
CA GLN C 216 4.43 -13.98 34.39
C GLN C 216 4.61 -12.60 35.03
N ASP C 217 4.94 -12.48 36.31
CA ASP C 217 5.25 -11.18 36.98
C ASP C 217 6.78 -11.04 37.14
N ALA C 218 7.30 -9.88 37.59
CA ALA C 218 8.76 -9.53 37.71
C ALA C 218 9.04 -8.62 38.93
N GLU C 219 10.25 -8.02 39.04
CA GLU C 219 10.69 -7.13 40.18
C GLU C 219 9.87 -5.82 40.23
N GLU D 20 -9.30 1.03 -10.85
CA GLU D 20 -8.47 2.01 -11.64
C GLU D 20 -8.75 3.45 -11.14
N ASN D 21 -8.47 3.71 -9.85
CA ASN D 21 -8.73 5.02 -9.16
C ASN D 21 -8.03 6.19 -9.86
N ASP D 22 -8.42 7.43 -9.52
CA ASP D 22 -8.03 8.73 -10.17
C ASP D 22 -7.43 9.73 -9.15
N ARG D 23 -6.92 9.28 -7.99
CA ARG D 23 -6.53 10.15 -6.83
C ARG D 23 -5.01 10.37 -6.85
N ARG D 24 -4.38 9.94 -7.95
CA ARG D 24 -2.93 10.07 -8.21
C ARG D 24 -2.72 11.32 -9.08
N THR D 25 -3.79 12.00 -9.50
CA THR D 25 -3.68 13.16 -10.43
C THR D 25 -4.26 14.45 -9.85
N LEU D 26 -3.37 15.43 -9.71
CA LEU D 26 -3.63 16.86 -9.42
C LEU D 26 -3.54 17.64 -10.73
N TRP D 27 -4.64 18.19 -11.25
CA TRP D 27 -4.63 18.89 -12.57
C TRP D 27 -5.58 20.12 -12.67
N THR D 28 -5.26 21.02 -13.58
CA THR D 28 -6.24 21.87 -14.33
C THR D 28 -7.17 20.84 -14.97
N THR D 29 -8.20 21.15 -15.71
CA THR D 29 -8.87 19.97 -16.32
C THR D 29 -7.99 19.56 -17.52
N PRO D 30 -8.31 18.54 -18.36
CA PRO D 30 -7.61 18.36 -19.63
C PRO D 30 -7.94 19.39 -20.71
N ASP D 31 -9.09 20.06 -20.56
CA ASP D 31 -9.52 21.23 -21.39
C ASP D 31 -10.01 22.35 -20.46
N PRO D 32 -9.09 23.10 -19.86
CA PRO D 32 -9.47 24.14 -18.91
C PRO D 32 -10.04 25.41 -19.58
N GLU D 33 -11.02 26.02 -18.91
CA GLU D 33 -11.50 27.37 -19.25
C GLU D 33 -10.33 28.32 -18.99
N ALA D 34 -10.41 29.57 -19.41
CA ALA D 34 -9.39 30.60 -19.10
C ALA D 34 -9.09 30.53 -17.61
N ASN D 35 -7.84 30.28 -17.21
CA ASN D 35 -7.56 29.88 -15.79
C ASN D 35 -6.27 30.52 -15.28
N CYS D 36 -5.59 31.32 -16.08
CA CYS D 36 -4.19 31.72 -15.78
C CYS D 36 -3.98 33.18 -16.18
N LYS D 37 -2.97 33.81 -15.58
CA LYS D 37 -2.58 35.22 -15.80
C LYS D 37 -1.11 35.21 -16.21
N VAL D 38 -0.87 35.45 -17.48
CA VAL D 38 0.45 35.83 -18.03
C VAL D 38 0.60 37.35 -17.82
N SER D 39 -0.40 38.09 -18.28
CA SER D 39 -0.32 39.55 -18.38
C SER D 39 -1.51 40.27 -17.73
N GLU D 40 -2.65 39.63 -17.59
CA GLU D 40 -3.91 40.23 -17.10
C GLU D 40 -4.79 39.03 -16.77
N GLU D 41 -5.80 39.19 -15.94
CA GLU D 41 -6.50 38.05 -15.31
C GLU D 41 -7.18 37.28 -16.45
N LYS D 42 -7.02 35.96 -16.42
CA LYS D 42 -7.73 34.95 -17.26
C LYS D 42 -7.41 35.27 -18.72
N ASP D 43 -6.14 35.49 -19.03
CA ASP D 43 -5.68 35.77 -20.41
C ASP D 43 -5.11 34.50 -21.06
N SER D 44 -5.09 33.39 -20.33
CA SER D 44 -4.47 32.13 -20.81
C SER D 44 -5.13 30.90 -20.20
N LYS D 45 -5.13 29.82 -20.97
CA LYS D 45 -5.50 28.48 -20.50
C LYS D 45 -4.20 27.71 -20.33
N LEU D 46 -3.89 27.39 -19.07
CA LEU D 46 -2.72 26.57 -18.72
C LEU D 46 -3.26 25.18 -18.46
N THR D 47 -2.94 24.23 -19.35
CA THR D 47 -3.12 22.78 -19.11
C THR D 47 -1.89 22.22 -18.38
N LEU D 48 -2.10 21.77 -17.15
CA LEU D 48 -1.03 21.11 -16.36
C LEU D 48 -1.61 19.88 -15.68
N VAL D 49 -1.06 18.70 -16.00
CA VAL D 49 -1.30 17.40 -15.31
C VAL D 49 -0.05 16.97 -14.50
N LEU D 50 -0.27 16.67 -13.22
CA LEU D 50 0.74 16.08 -12.33
C LEU D 50 0.22 14.70 -11.93
N THR D 51 0.99 13.64 -12.24
CA THR D 51 0.60 12.26 -11.88
C THR D 51 1.69 11.64 -11.01
N LYS D 52 1.32 11.22 -9.78
CA LYS D 52 2.17 10.44 -8.84
C LYS D 52 2.51 9.12 -9.49
N CYS D 53 3.79 8.87 -9.74
CA CYS D 53 4.33 7.60 -10.31
C CYS D 53 5.52 7.20 -9.42
N GLY D 54 5.21 6.56 -8.28
CA GLY D 54 6.18 6.20 -7.23
C GLY D 54 6.74 7.43 -6.54
N SER D 55 8.04 7.66 -6.67
CA SER D 55 8.83 8.68 -5.93
C SER D 55 8.86 9.99 -6.71
N GLN D 56 8.35 9.98 -7.94
CA GLN D 56 8.40 11.17 -8.86
C GLN D 56 7.00 11.60 -9.30
N ILE D 57 6.89 12.84 -9.71
CA ILE D 57 5.70 13.35 -10.43
C ILE D 57 6.01 13.28 -11.92
N LEU D 58 5.18 12.60 -12.69
CA LEU D 58 5.19 12.71 -14.16
C LEU D 58 4.22 13.85 -14.56
N ALA D 59 4.67 14.85 -15.32
CA ALA D 59 3.96 16.10 -15.62
C ALA D 59 3.99 16.41 -17.12
N SER D 60 2.90 17.04 -17.56
CA SER D 60 2.61 17.50 -18.95
C SER D 60 2.03 18.92 -18.84
N VAL D 61 2.60 19.86 -19.57
CA VAL D 61 2.21 21.28 -19.51
C VAL D 61 2.12 21.82 -20.93
N SER D 62 1.19 22.76 -21.09
CA SER D 62 0.74 23.40 -22.35
C SER D 62 0.17 24.77 -21.99
N LEU D 63 0.41 25.76 -22.83
CA LEU D 63 -0.03 27.13 -22.50
C LEU D 63 -0.53 27.78 -23.78
N LEU D 64 -1.79 28.14 -23.78
CA LEU D 64 -2.43 28.95 -24.85
C LEU D 64 -2.80 30.34 -24.28
N VAL D 65 -2.28 31.44 -24.83
CA VAL D 65 -2.73 32.75 -24.31
C VAL D 65 -3.81 33.27 -25.26
N VAL D 66 -4.95 33.63 -24.71
CA VAL D 66 -6.21 33.84 -25.47
C VAL D 66 -6.51 35.34 -25.66
N LYS D 67 -6.03 36.22 -24.77
CA LYS D 67 -6.23 37.69 -24.88
C LYS D 67 -5.01 38.44 -24.30
N GLY D 68 -4.85 39.74 -24.62
CA GLY D 68 -3.76 40.55 -24.06
C GLY D 68 -2.46 40.40 -24.85
N LYS D 69 -1.40 41.03 -24.33
CA LYS D 69 -0.03 41.20 -24.87
C LYS D 69 0.52 40.00 -25.67
N PHE D 70 0.32 38.78 -25.21
CA PHE D 70 0.94 37.59 -25.84
C PHE D 70 -0.06 36.77 -26.63
N ALA D 71 -1.31 37.22 -26.71
CA ALA D 71 -2.36 36.61 -27.58
C ALA D 71 -1.99 36.70 -29.07
N ASN D 72 -1.19 37.65 -29.48
CA ASN D 72 -0.75 37.69 -30.89
C ASN D 72 0.62 38.37 -30.95
N ILE D 73 1.71 37.69 -30.61
CA ILE D 73 3.06 38.32 -30.56
C ILE D 73 3.34 39.03 -31.89
N ASN D 74 3.83 40.26 -31.81
CA ASN D 74 4.46 40.95 -32.93
C ASN D 74 5.67 41.69 -32.39
N ASN D 75 6.85 41.11 -32.49
CA ASN D 75 8.08 41.77 -31.98
C ASN D 75 8.59 42.77 -33.00
N LYS D 76 8.03 42.82 -34.21
CA LYS D 76 8.32 43.94 -35.15
C LYS D 76 7.62 45.22 -34.65
N THR D 77 6.32 45.18 -34.33
CA THR D 77 5.65 46.37 -33.77
C THR D 77 6.12 46.60 -32.32
N ASN D 78 6.38 45.55 -31.56
CA ASN D 78 6.76 45.68 -30.13
C ASN D 78 8.05 44.93 -29.89
N PRO D 79 9.23 45.55 -30.15
CA PRO D 79 10.50 44.89 -29.82
C PRO D 79 10.48 45.31 -28.33
N GLY D 80 11.44 44.93 -27.54
CA GLY D 80 11.41 45.31 -26.11
C GLY D 80 11.19 44.06 -25.32
N GLU D 81 12.09 43.76 -24.40
CA GLU D 81 12.18 42.47 -23.69
C GLU D 81 10.82 42.14 -23.03
N ASP D 82 10.08 43.12 -22.54
CA ASP D 82 8.78 42.82 -21.86
C ASP D 82 7.79 42.20 -22.84
N TYR D 83 8.03 42.24 -24.15
CA TYR D 83 7.16 41.61 -25.16
C TYR D 83 7.78 40.31 -25.64
N LYS D 84 8.98 39.96 -25.17
CA LYS D 84 9.75 38.76 -25.61
C LYS D 84 9.96 37.74 -24.48
N LYS D 85 9.22 37.86 -23.36
CA LYS D 85 9.30 36.87 -22.25
C LYS D 85 8.29 37.17 -21.17
N PHE D 86 8.03 36.18 -20.31
CA PHE D 86 7.05 36.15 -19.20
C PHE D 86 7.21 34.83 -18.45
N SER D 87 6.66 34.77 -17.24
CA SER D 87 6.68 33.52 -16.46
C SER D 87 5.34 33.29 -15.84
N VAL D 88 5.10 32.04 -15.50
CA VAL D 88 3.89 31.50 -14.85
C VAL D 88 4.36 30.86 -13.54
N LYS D 89 3.80 31.25 -12.41
CA LYS D 89 4.23 30.74 -11.07
C LYS D 89 3.05 30.07 -10.37
N LEU D 90 3.22 28.80 -10.00
CA LEU D 90 2.37 28.07 -9.06
C LEU D 90 3.01 28.23 -7.68
N LEU D 91 2.33 28.91 -6.74
CA LEU D 91 2.81 29.21 -5.37
C LEU D 91 2.01 28.32 -4.39
N PHE D 92 2.69 27.45 -3.64
CA PHE D 92 2.01 26.50 -2.73
C PHE D 92 2.48 26.71 -1.27
N ASP D 93 1.56 26.59 -0.31
CA ASP D 93 1.90 26.61 1.14
C ASP D 93 2.21 25.18 1.61
N ALA D 94 2.41 24.98 2.92
CA ALA D 94 2.93 23.74 3.55
C ALA D 94 2.01 22.56 3.27
N ASN D 95 0.74 22.78 2.94
CA ASN D 95 -0.23 21.69 2.62
C ASN D 95 -0.28 21.41 1.11
N GLY D 96 0.38 22.23 0.29
CA GLY D 96 0.40 22.08 -1.19
C GLY D 96 -0.87 22.61 -1.85
N LYS D 97 -1.62 23.43 -1.09
CA LYS D 97 -2.74 24.27 -1.60
C LYS D 97 -2.12 25.46 -2.34
N LEU D 98 -2.81 25.98 -3.34
CA LEU D 98 -2.35 27.07 -4.23
C LEU D 98 -2.57 28.45 -3.54
N LEU D 99 -1.55 29.32 -3.52
CA LEU D 99 -1.59 30.67 -2.89
C LEU D 99 -2.08 31.70 -3.90
N THR D 100 -2.56 32.87 -3.47
CA THR D 100 -3.29 33.81 -4.35
C THR D 100 -2.31 34.49 -5.34
N GLY D 101 -1.07 34.76 -4.93
CA GLY D 101 -0.07 35.35 -5.86
C GLY D 101 0.24 34.44 -7.05
N SER D 102 -0.30 33.22 -7.14
CA SER D 102 0.01 32.32 -8.27
C SER D 102 -0.57 32.95 -9.54
N SER D 103 0.15 32.82 -10.66
CA SER D 103 -0.37 33.01 -12.03
C SER D 103 -1.65 32.18 -12.19
N LEU D 104 -1.74 30.99 -11.60
CA LEU D 104 -2.82 30.03 -11.91
C LEU D 104 -3.94 30.24 -10.91
N ASP D 105 -5.18 30.07 -11.35
CA ASP D 105 -6.43 30.25 -10.56
C ASP D 105 -6.73 28.91 -9.85
N GLY D 106 -6.77 28.96 -8.51
CA GLY D 106 -6.94 27.79 -7.63
C GLY D 106 -8.30 27.13 -7.76
N ASN D 107 -9.11 27.57 -8.72
CA ASN D 107 -10.56 27.24 -8.77
C ASN D 107 -10.83 26.19 -9.87
N TYR D 108 -9.91 25.98 -10.83
CA TYR D 108 -9.87 24.82 -11.75
C TYR D 108 -8.47 24.20 -11.61
N TRP D 109 -8.30 23.53 -10.45
CA TRP D 109 -7.05 22.92 -9.93
C TRP D 109 -7.38 22.03 -8.73
N ASN D 110 -7.44 20.73 -8.97
CA ASN D 110 -7.99 19.75 -8.01
C ASN D 110 -7.62 18.32 -8.46
N TYR D 111 -7.98 17.32 -7.68
CA TYR D 111 -7.79 15.89 -8.00
C TYR D 111 -8.75 15.51 -9.12
N LYS D 112 -8.42 14.44 -9.82
CA LYS D 112 -9.17 14.02 -11.02
C LYS D 112 -10.42 13.25 -10.58
N ASN D 113 -11.44 13.25 -11.45
CA ASN D 113 -12.63 12.36 -11.36
C ASN D 113 -13.35 12.38 -12.72
N LYS D 114 -13.35 11.26 -13.46
CA LYS D 114 -13.59 11.21 -14.93
C LYS D 114 -12.65 12.23 -15.61
N ASP D 115 -13.14 13.21 -16.39
CA ASP D 115 -12.27 14.21 -17.07
C ASP D 115 -12.56 15.62 -16.50
N SER D 116 -13.07 15.67 -15.26
CA SER D 116 -13.45 16.90 -14.50
C SER D 116 -12.59 17.03 -13.22
N VAL D 117 -13.17 17.55 -12.12
CA VAL D 117 -12.52 17.67 -10.78
C VAL D 117 -13.46 17.09 -9.70
N ILE D 118 -12.85 16.58 -8.62
CA ILE D 118 -13.52 16.00 -7.42
C ILE D 118 -14.41 17.10 -6.83
N GLY D 119 -15.54 16.72 -6.22
CA GLY D 119 -16.67 17.57 -5.79
C GLY D 119 -16.25 18.92 -5.23
N SER D 120 -15.28 18.96 -4.30
CA SER D 120 -14.92 20.15 -3.49
C SER D 120 -13.43 20.49 -3.62
N PRO D 121 -13.00 21.70 -3.16
CA PRO D 121 -11.58 22.03 -3.09
C PRO D 121 -10.83 21.16 -2.05
N TYR D 122 -9.50 21.03 -2.18
CA TYR D 122 -8.71 19.93 -1.57
C TYR D 122 -7.97 20.39 -0.32
N GLU D 123 -7.83 19.45 0.64
CA GLU D 123 -7.21 19.67 1.98
C GLU D 123 -5.69 19.60 1.81
N ASN D 124 -5.19 18.59 1.09
CA ASN D 124 -3.74 18.28 1.06
C ASN D 124 -3.30 17.72 -0.29
N ALA D 125 -2.18 18.23 -0.81
CA ALA D 125 -1.42 17.66 -1.95
C ALA D 125 0.09 17.82 -1.76
N VAL D 126 0.61 17.75 -0.54
CA VAL D 126 2.09 17.75 -0.28
C VAL D 126 2.76 16.67 -1.14
N PRO D 127 2.19 15.45 -1.27
CA PRO D 127 2.81 14.46 -2.13
C PRO D 127 2.99 14.86 -3.60
N PHE D 128 2.50 16.01 -4.06
CA PHE D 128 2.74 16.49 -5.46
C PHE D 128 3.75 17.62 -5.51
N MET D 129 4.17 18.14 -4.35
CA MET D 129 5.13 19.25 -4.24
C MET D 129 6.52 18.76 -4.61
N PRO D 130 7.43 19.66 -5.04
CA PRO D 130 8.81 19.28 -5.31
C PRO D 130 9.58 19.13 -4.01
N ASN D 131 10.33 18.04 -3.94
CA ASN D 131 11.18 17.65 -2.79
C ASN D 131 11.99 18.85 -2.25
N SER D 132 11.81 19.15 -0.96
CA SER D 132 12.56 20.17 -0.19
C SER D 132 14.06 19.87 -0.16
N THR D 133 14.47 18.60 -0.23
CA THR D 133 15.88 18.17 -0.08
C THR D 133 16.59 18.22 -1.44
N ALA D 134 15.96 17.72 -2.49
CA ALA D 134 16.55 17.72 -3.84
C ALA D 134 16.59 19.17 -4.34
N TYR D 135 15.54 19.91 -3.99
CA TYR D 135 15.27 21.28 -4.49
C TYR D 135 15.05 22.21 -3.30
N PRO D 136 16.09 22.49 -2.49
CA PRO D 136 15.94 23.35 -1.32
C PRO D 136 15.84 24.83 -1.68
N LYS D 137 15.28 25.65 -0.78
CA LYS D 137 15.47 27.13 -0.81
C LYS D 137 16.91 27.40 -0.35
N ILE D 138 17.74 28.02 -1.20
CA ILE D 138 19.22 28.11 -1.01
C ILE D 138 19.57 29.54 -0.59
N ILE D 139 20.20 29.69 0.59
CA ILE D 139 20.98 30.87 1.07
C ILE D 139 22.39 30.35 1.38
N ASN D 140 23.35 31.23 1.71
CA ASN D 140 24.80 30.94 1.92
C ASN D 140 25.35 30.10 0.75
N ASN D 141 25.04 30.54 -0.47
CA ASN D 141 25.57 29.98 -1.74
C ASN D 141 27.10 30.12 -1.68
N GLY D 142 27.59 31.33 -1.40
CA GLY D 142 29.01 31.63 -1.12
C GLY D 142 29.35 31.48 0.36
N THR D 143 30.63 31.67 0.69
CA THR D 143 31.28 31.34 2.00
C THR D 143 30.79 29.96 2.50
N ALA D 144 30.71 29.00 1.58
CA ALA D 144 30.51 27.54 1.80
C ALA D 144 31.31 26.80 0.72
N ASN D 145 32.31 25.98 1.09
CA ASN D 145 33.18 25.23 0.14
C ASN D 145 32.30 24.59 -0.94
N PRO D 146 32.67 24.63 -2.25
CA PRO D 146 31.87 23.95 -3.27
C PRO D 146 31.59 22.46 -3.00
N GLU D 147 32.45 21.75 -2.25
CA GLU D 147 32.26 20.30 -1.94
C GLU D 147 31.00 20.10 -1.08
N ASP D 148 30.58 21.11 -0.30
CA ASP D 148 29.35 21.09 0.54
C ASP D 148 28.24 21.98 -0.06
N LYS D 149 28.57 22.86 -1.01
CA LYS D 149 27.59 23.81 -1.59
C LYS D 149 26.51 23.04 -2.38
N LYS D 150 25.29 23.57 -2.38
CA LYS D 150 24.10 22.95 -3.02
C LYS D 150 23.88 23.63 -4.38
N SER D 151 23.14 22.96 -5.28
CA SER D 151 23.07 23.21 -6.75
C SER D 151 21.84 24.04 -7.10
N ALA D 152 22.05 25.24 -7.64
CA ALA D 152 20.96 26.03 -8.25
C ALA D 152 20.54 25.31 -9.56
N ALA D 153 21.48 24.73 -10.32
CA ALA D 153 21.19 24.15 -11.66
C ALA D 153 20.20 22.98 -11.53
N LYS D 154 20.34 22.12 -10.52
CA LYS D 154 19.52 20.89 -10.29
C LYS D 154 18.03 21.23 -10.12
N LYS D 155 17.70 22.41 -9.58
CA LYS D 155 16.29 22.85 -9.34
C LYS D 155 15.56 23.16 -10.65
N THR D 156 16.23 22.91 -11.78
CA THR D 156 16.03 23.56 -13.11
C THR D 156 15.88 22.48 -14.18
N ILE D 157 14.85 22.59 -15.04
CA ILE D 157 14.78 21.84 -16.32
C ILE D 157 14.74 22.87 -17.44
N VAL D 158 15.62 22.73 -18.43
CA VAL D 158 15.84 23.74 -19.48
C VAL D 158 15.60 23.05 -20.82
N THR D 159 14.69 23.53 -21.65
CA THR D 159 14.37 22.89 -22.94
C THR D 159 13.68 23.94 -23.79
N ASN D 160 12.88 23.52 -24.75
CA ASN D 160 12.15 24.39 -25.70
C ASN D 160 10.75 23.85 -25.91
N VAL D 161 9.79 24.78 -25.97
CA VAL D 161 8.50 24.50 -26.63
C VAL D 161 8.44 25.28 -27.94
N TYR D 162 7.51 24.89 -28.77
CA TYR D 162 7.35 25.42 -30.14
C TYR D 162 5.93 25.97 -30.29
N LEU D 163 5.90 27.26 -30.61
CA LEU D 163 4.66 28.01 -30.90
C LEU D 163 3.99 27.42 -32.14
N GLY D 164 2.71 27.12 -32.00
CA GLY D 164 1.89 26.60 -33.10
C GLY D 164 2.34 25.23 -33.45
N GLY D 165 3.16 24.64 -32.58
CA GLY D 165 3.79 23.30 -32.79
C GLY D 165 4.67 23.27 -34.02
N ASP D 166 5.31 24.38 -34.37
CA ASP D 166 6.19 24.61 -35.53
C ASP D 166 7.67 24.58 -35.06
N ALA D 167 8.53 23.77 -35.69
CA ALA D 167 9.94 23.58 -35.29
C ALA D 167 10.77 24.87 -35.50
N ALA D 168 10.29 25.80 -36.34
CA ALA D 168 10.91 27.10 -36.64
C ALA D 168 10.52 28.21 -35.64
N LYS D 169 9.63 27.94 -34.65
CA LYS D 169 9.20 28.92 -33.63
C LYS D 169 9.51 28.43 -32.19
N PRO D 170 10.81 28.26 -31.86
CA PRO D 170 11.15 27.83 -30.51
C PRO D 170 10.95 28.98 -29.52
N VAL D 171 10.63 28.60 -28.29
CA VAL D 171 10.65 29.42 -27.06
C VAL D 171 11.48 28.67 -26.01
N ALA D 172 12.61 29.21 -25.57
CA ALA D 172 13.42 28.76 -24.41
C ALA D 172 12.51 28.61 -23.19
N THR D 173 12.36 27.40 -22.59
CA THR D 173 11.50 27.15 -21.41
C THR D 173 12.37 26.62 -20.27
N THR D 174 12.48 27.37 -19.17
CA THR D 174 13.05 26.93 -17.87
C THR D 174 11.86 26.51 -16.96
N ILE D 175 11.86 25.28 -16.41
CA ILE D 175 10.95 24.88 -15.29
C ILE D 175 11.79 24.88 -14.03
N SER D 176 11.36 25.53 -12.97
CA SER D 176 12.15 25.70 -11.73
C SER D 176 11.29 25.30 -10.54
N PHE D 177 11.85 24.50 -9.62
CA PHE D 177 11.14 24.01 -8.41
C PHE D 177 11.69 24.79 -7.21
N ASN D 178 10.79 25.32 -6.37
CA ASN D 178 11.12 25.97 -5.08
C ASN D 178 12.15 27.10 -5.28
N LYS D 179 12.04 27.81 -6.40
CA LYS D 179 12.77 29.07 -6.71
C LYS D 179 12.13 30.30 -6.01
N GLU D 180 10.81 30.29 -5.76
CA GLU D 180 10.00 31.51 -5.44
C GLU D 180 9.91 31.75 -3.92
N THR D 181 9.88 33.03 -3.50
CA THR D 181 9.73 33.45 -2.09
C THR D 181 8.41 34.21 -1.87
N GLU D 182 7.75 34.68 -2.93
CA GLU D 182 6.51 35.53 -2.90
C GLU D 182 5.41 34.86 -2.06
N SER D 183 4.60 35.66 -1.36
CA SER D 183 3.40 35.25 -0.59
C SER D 183 3.74 34.23 0.50
N ASN D 184 4.95 34.24 1.07
CA ASN D 184 5.34 33.27 2.13
C ASN D 184 5.19 31.84 1.60
N CYS D 185 5.63 31.53 0.38
CA CYS D 185 5.42 30.18 -0.21
C CYS D 185 6.44 29.20 0.40
N VAL D 186 6.11 27.90 0.53
CA VAL D 186 7.02 26.79 0.99
C VAL D 186 7.61 26.07 -0.23
N TYR D 187 6.77 25.85 -1.24
CA TYR D 187 7.01 25.12 -2.49
C TYR D 187 6.54 25.95 -3.68
N SER D 188 7.09 25.71 -4.87
CA SER D 188 6.84 26.53 -6.06
C SER D 188 7.22 25.77 -7.33
N ILE D 189 6.53 26.06 -8.43
CA ILE D 189 6.88 25.60 -9.82
C ILE D 189 6.72 26.84 -10.73
N THR D 190 7.82 27.22 -11.39
CA THR D 190 7.97 28.41 -12.22
C THR D 190 8.26 27.92 -13.65
N PHE D 191 7.42 28.38 -14.58
CA PHE D 191 7.64 28.23 -16.02
C PHE D 191 8.06 29.59 -16.57
N ASP D 192 9.28 29.73 -17.06
CA ASP D 192 9.87 30.96 -17.63
C ASP D 192 9.98 30.74 -19.13
N PHE D 193 9.33 31.61 -19.90
CA PHE D 193 9.36 31.57 -21.37
C PHE D 193 10.11 32.80 -21.86
N ALA D 194 10.94 32.65 -22.87
CA ALA D 194 11.75 33.72 -23.48
C ALA D 194 12.12 33.31 -24.90
N TRP D 195 12.19 34.30 -25.80
CA TRP D 195 12.54 34.10 -27.24
C TRP D 195 13.29 35.31 -27.79
N ASN D 196 14.24 35.07 -28.70
CA ASN D 196 15.07 36.09 -29.40
C ASN D 196 14.49 36.38 -30.80
N LYS D 197 13.88 35.40 -31.45
CA LYS D 197 13.34 35.49 -32.84
C LYS D 197 12.29 36.64 -32.81
N THR D 198 12.22 37.49 -33.84
CA THR D 198 11.13 38.48 -33.92
C THR D 198 9.95 37.77 -34.60
N TYR D 199 8.97 37.32 -33.82
CA TYR D 199 7.78 36.63 -34.34
C TYR D 199 6.77 37.69 -34.72
N LYS D 200 6.12 37.52 -35.88
CA LYS D 200 5.08 38.41 -36.47
C LYS D 200 3.72 37.72 -36.47
N ASN D 201 2.82 38.16 -35.61
CA ASN D 201 1.40 37.67 -35.51
C ASN D 201 1.39 36.19 -35.16
N VAL D 202 2.08 35.79 -34.10
CA VAL D 202 2.07 34.37 -33.64
C VAL D 202 1.39 34.31 -32.29
N PRO D 203 0.23 33.68 -32.17
CA PRO D 203 -0.35 33.47 -30.85
C PRO D 203 0.63 32.67 -29.96
N PHE D 204 0.75 33.04 -28.70
CA PHE D 204 1.49 32.20 -27.73
C PHE D 204 0.65 30.93 -27.57
N ASP D 205 1.00 29.90 -28.35
CA ASP D 205 0.33 28.58 -28.33
C ASP D 205 1.44 27.52 -28.34
N SER D 206 1.77 26.98 -27.16
CA SER D 206 2.90 26.05 -26.92
C SER D 206 2.51 24.62 -27.22
N SER D 207 3.42 23.88 -27.83
CA SER D 207 3.43 22.38 -27.88
C SER D 207 3.51 21.79 -26.45
N SER D 208 2.99 20.59 -26.22
CA SER D 208 3.01 19.92 -24.90
C SER D 208 4.45 19.60 -24.54
N LEU D 209 4.79 19.71 -23.27
CA LEU D 209 6.14 19.45 -22.73
C LEU D 209 6.01 18.40 -21.62
N THR D 210 6.68 17.27 -21.72
CA THR D 210 6.75 16.23 -20.64
C THR D 210 7.92 16.54 -19.69
N PHE D 211 7.72 16.49 -18.39
CA PHE D 211 8.85 16.51 -17.42
C PHE D 211 8.51 15.75 -16.16
N SER D 212 9.52 15.56 -15.32
CA SER D 212 9.41 14.80 -14.06
C SER D 212 10.23 15.54 -12.99
N TYR D 213 9.86 15.38 -11.72
CA TYR D 213 10.65 15.85 -10.57
C TYR D 213 10.46 14.83 -9.47
N ILE D 214 11.33 14.91 -8.48
CA ILE D 214 11.21 14.12 -7.25
C ILE D 214 10.11 14.72 -6.37
N ALA D 215 9.16 13.88 -5.91
CA ALA D 215 8.03 14.26 -5.05
C ALA D 215 8.53 14.48 -3.62
N GLN D 216 7.84 15.35 -2.88
CA GLN D 216 8.04 15.55 -1.43
C GLN D 216 7.39 14.34 -0.76
N ASP D 217 7.90 13.95 0.40
CA ASP D 217 7.29 12.86 1.20
C ASP D 217 6.65 13.50 2.42
N ALA D 218 5.31 13.40 2.56
CA ALA D 218 4.50 13.76 3.77
C ALA D 218 5.25 13.40 5.06
N GLU D 219 5.30 14.30 6.04
CA GLU D 219 5.74 13.99 7.43
C GLU D 219 4.50 13.83 8.32
N GLU E 20 -2.46 -6.77 -12.47
CA GLU E 20 -1.13 -7.01 -13.11
C GLU E 20 -0.69 -5.82 -13.96
N ASN E 21 0.55 -5.92 -14.46
CA ASN E 21 1.31 -4.90 -15.22
C ASN E 21 1.32 -5.22 -16.73
N ASP E 22 0.89 -6.43 -17.12
CA ASP E 22 0.67 -6.81 -18.55
C ASP E 22 -0.47 -5.92 -19.11
N ARG E 23 -1.54 -5.69 -18.33
CA ARG E 23 -2.78 -4.88 -18.61
C ARG E 23 -2.47 -3.38 -18.73
N ARG E 24 -1.39 -2.93 -18.06
CA ARG E 24 -0.94 -1.52 -18.04
C ARG E 24 -0.01 -1.19 -19.22
N THR E 25 0.28 -2.10 -20.13
CA THR E 25 1.19 -1.81 -21.26
C THR E 25 0.60 -2.28 -22.58
N LEU E 26 0.79 -1.48 -23.62
CA LEU E 26 0.44 -1.79 -25.01
C LEU E 26 1.72 -1.51 -25.80
N TRP E 27 2.29 -2.50 -26.46
CA TRP E 27 3.56 -2.29 -27.19
C TRP E 27 3.63 -3.18 -28.43
N THR E 28 4.65 -2.89 -29.24
CA THR E 28 5.00 -3.52 -30.54
C THR E 28 5.94 -4.70 -30.32
N THR E 29 6.09 -5.03 -29.04
CA THR E 29 7.12 -5.87 -28.42
C THR E 29 8.36 -4.99 -28.26
N PRO E 30 9.23 -5.28 -27.29
CA PRO E 30 10.49 -4.55 -27.16
C PRO E 30 11.45 -4.93 -28.29
N ASP E 31 11.26 -6.08 -28.93
CA ASP E 31 12.11 -6.54 -30.07
C ASP E 31 11.27 -7.08 -31.21
N PRO E 32 10.90 -6.22 -32.18
CA PRO E 32 9.99 -6.61 -33.26
C PRO E 32 10.71 -6.89 -34.59
N GLU E 33 10.16 -7.83 -35.39
CA GLU E 33 10.34 -7.94 -36.87
C GLU E 33 9.72 -6.70 -37.54
N ALA E 34 10.13 -6.43 -38.78
CA ALA E 34 9.59 -5.35 -39.63
C ALA E 34 8.05 -5.36 -39.51
N ASN E 35 7.48 -4.24 -39.06
CA ASN E 35 6.03 -4.16 -38.68
C ASN E 35 5.42 -2.87 -39.23
N CYS E 36 6.20 -2.05 -39.93
CA CYS E 36 5.81 -0.65 -40.23
C CYS E 36 6.13 -0.35 -41.68
N LYS E 37 5.24 0.41 -42.33
CA LYS E 37 5.37 1.01 -43.69
C LYS E 37 5.69 2.50 -43.53
N VAL E 38 6.88 2.90 -43.98
CA VAL E 38 7.41 4.29 -44.05
C VAL E 38 7.39 4.76 -45.51
N SER E 39 7.67 3.83 -46.43
CA SER E 39 7.88 4.07 -47.88
C SER E 39 7.05 3.04 -48.64
N GLU E 40 7.36 1.76 -48.42
CA GLU E 40 6.69 0.54 -48.97
C GLU E 40 6.35 -0.39 -47.79
N GLU E 41 5.87 -1.60 -48.05
CA GLU E 41 5.37 -2.55 -47.01
C GLU E 41 6.54 -3.15 -46.21
N LYS E 42 6.41 -3.18 -44.88
CA LYS E 42 7.34 -3.80 -43.90
C LYS E 42 8.79 -3.36 -44.15
N ASP E 43 9.03 -2.07 -44.46
CA ASP E 43 10.38 -1.52 -44.73
C ASP E 43 11.05 -1.03 -43.42
N SER E 44 10.36 -1.11 -42.28
CA SER E 44 10.83 -0.50 -41.02
C SER E 44 10.44 -1.32 -39.78
N LYS E 45 11.14 -1.05 -38.68
CA LYS E 45 10.93 -1.67 -37.35
C LYS E 45 10.58 -0.58 -36.34
N LEU E 46 9.30 -0.47 -35.98
CA LEU E 46 8.82 0.54 -35.01
C LEU E 46 8.75 -0.11 -33.63
N THR E 47 9.49 0.44 -32.69
CA THR E 47 9.37 0.11 -31.25
C THR E 47 8.56 1.22 -30.53
N LEU E 48 7.32 0.93 -30.18
CA LEU E 48 6.48 1.84 -29.40
C LEU E 48 6.03 1.14 -28.10
N VAL E 49 6.32 1.73 -26.95
CA VAL E 49 5.78 1.27 -25.65
C VAL E 49 4.89 2.36 -25.08
N LEU E 50 3.64 2.03 -24.78
CA LEU E 50 2.71 2.85 -23.99
C LEU E 50 2.50 2.23 -22.62
N THR E 51 2.84 2.90 -21.52
CA THR E 51 2.40 2.49 -20.15
C THR E 51 1.41 3.50 -19.52
N LYS E 52 0.32 3.06 -18.91
CA LYS E 52 -0.53 3.92 -18.03
C LYS E 52 0.19 4.27 -16.73
N CYS E 53 0.71 5.50 -16.51
CA CYS E 53 0.96 6.04 -15.13
C CYS E 53 -0.18 7.02 -14.87
N GLY E 54 -1.25 6.54 -14.21
CA GLY E 54 -2.45 7.30 -13.81
C GLY E 54 -3.23 7.87 -14.99
N SER E 55 -3.39 9.17 -15.02
CA SER E 55 -4.18 9.86 -16.07
C SER E 55 -3.38 10.08 -17.34
N GLN E 56 -2.11 9.65 -17.37
CA GLN E 56 -1.17 9.88 -18.49
C GLN E 56 -0.66 8.55 -19.04
N ILE E 57 -0.22 8.57 -20.29
CA ILE E 57 0.53 7.48 -20.94
C ILE E 57 1.98 7.89 -20.96
N LEU E 58 2.84 7.05 -20.41
CA LEU E 58 4.31 7.20 -20.52
C LEU E 58 4.67 6.40 -21.77
N ALA E 59 5.27 7.04 -22.78
CA ALA E 59 5.59 6.37 -24.06
C ALA E 59 7.08 6.48 -24.29
N SER E 60 7.59 5.51 -25.04
CA SER E 60 8.99 5.41 -25.51
C SER E 60 8.95 4.88 -26.92
N VAL E 61 9.68 5.47 -27.84
CA VAL E 61 9.58 5.17 -29.31
C VAL E 61 10.98 5.15 -29.90
N SER E 62 11.15 4.34 -30.93
CA SER E 62 12.43 4.05 -31.60
C SER E 62 12.13 3.64 -33.04
N LEU E 63 12.81 4.17 -34.05
CA LEU E 63 12.49 3.74 -35.42
C LEU E 63 13.76 3.32 -36.16
N LEU E 64 13.75 2.11 -36.70
CA LEU E 64 14.77 1.57 -37.63
C LEU E 64 14.10 1.28 -38.96
N VAL E 65 14.51 1.94 -40.03
CA VAL E 65 14.02 1.53 -41.36
C VAL E 65 15.12 0.65 -41.94
N VAL E 66 14.77 -0.58 -42.37
CA VAL E 66 15.72 -1.68 -42.74
C VAL E 66 15.82 -1.77 -44.26
N LYS E 67 14.83 -1.30 -45.02
CA LYS E 67 14.89 -1.24 -46.50
C LYS E 67 14.06 -0.06 -47.09
N GLY E 68 14.44 0.34 -48.32
CA GLY E 68 13.72 1.32 -49.13
C GLY E 68 14.37 2.70 -49.08
N LYS E 69 13.54 3.72 -49.32
CA LYS E 69 13.91 5.14 -49.60
C LYS E 69 14.71 5.69 -48.42
N PHE E 70 14.41 5.22 -47.20
CA PHE E 70 15.04 5.75 -45.95
C PHE E 70 15.97 4.71 -45.29
N ALA E 71 16.32 3.60 -45.92
CA ALA E 71 17.29 2.60 -45.40
C ALA E 71 18.72 3.14 -45.49
N ASN E 72 19.03 3.96 -46.50
CA ASN E 72 20.37 4.59 -46.63
C ASN E 72 20.19 6.01 -47.15
N ILE E 73 19.90 7.00 -46.27
CA ILE E 73 19.70 8.43 -46.67
C ILE E 73 20.96 8.94 -47.41
N ASN E 74 20.77 9.62 -48.56
CA ASN E 74 21.85 10.31 -49.31
C ASN E 74 21.22 11.55 -49.96
N ASN E 75 21.25 12.66 -49.23
CA ASN E 75 20.54 13.90 -49.61
C ASN E 75 21.40 14.68 -50.62
N LYS E 76 22.52 14.09 -51.05
CA LYS E 76 23.39 14.62 -52.12
C LYS E 76 22.91 14.00 -53.45
N THR E 77 22.62 12.69 -53.45
CA THR E 77 22.07 12.03 -54.68
C THR E 77 20.54 12.26 -54.73
N ASN E 78 19.91 12.69 -53.63
CA ASN E 78 18.43 12.83 -53.48
C ASN E 78 18.10 14.10 -52.67
N PRO E 79 18.44 15.32 -53.16
CA PRO E 79 18.30 16.56 -52.36
C PRO E 79 16.89 17.19 -52.17
N GLY E 80 15.84 16.59 -52.77
CA GLY E 80 14.44 17.03 -52.72
C GLY E 80 13.81 16.88 -51.33
N GLU E 81 12.88 17.79 -51.02
CA GLU E 81 12.02 17.80 -49.80
C GLU E 81 11.43 16.41 -49.53
N ASP E 82 11.33 15.56 -50.54
CA ASP E 82 10.52 14.32 -50.54
C ASP E 82 11.32 13.15 -49.96
N TYR E 83 12.64 13.28 -49.99
CA TYR E 83 13.67 12.37 -49.42
C TYR E 83 14.23 12.96 -48.13
N LYS E 84 13.55 13.95 -47.56
CA LYS E 84 14.04 14.63 -46.33
C LYS E 84 12.93 14.67 -45.27
N LYS E 85 11.88 13.87 -45.45
CA LYS E 85 10.83 13.68 -44.44
C LYS E 85 9.94 12.49 -44.79
N PHE E 86 9.12 12.13 -43.80
CA PHE E 86 8.12 11.04 -43.86
C PHE E 86 7.38 10.97 -42.52
N SER E 87 6.21 10.33 -42.52
CA SER E 87 5.45 10.13 -41.27
C SER E 87 5.00 8.68 -41.09
N VAL E 88 4.68 8.33 -39.85
CA VAL E 88 4.17 7.03 -39.37
C VAL E 88 2.88 7.30 -38.61
N LYS E 89 1.76 6.76 -39.06
CA LYS E 89 0.44 6.98 -38.44
C LYS E 89 0.00 5.71 -37.72
N LEU E 90 -0.61 5.85 -36.54
CA LEU E 90 -1.53 4.85 -35.95
C LEU E 90 -2.96 5.41 -35.96
N LEU E 91 -3.92 4.70 -36.56
CA LEU E 91 -5.34 5.13 -36.58
C LEU E 91 -6.10 4.11 -35.72
N PHE E 92 -6.85 4.55 -34.69
CA PHE E 92 -7.73 3.67 -33.88
C PHE E 92 -9.21 4.04 -34.03
N ASP E 93 -10.11 3.07 -33.85
CA ASP E 93 -11.58 3.27 -33.82
C ASP E 93 -12.07 3.48 -32.37
N ALA E 94 -13.39 3.50 -32.16
CA ALA E 94 -14.03 3.85 -30.87
C ALA E 94 -13.46 2.99 -29.71
N ASN E 95 -13.11 1.74 -29.99
CA ASN E 95 -12.68 0.75 -28.98
C ASN E 95 -11.14 0.72 -28.84
N GLY E 96 -10.43 1.40 -29.75
CA GLY E 96 -8.98 1.62 -29.64
C GLY E 96 -8.19 0.55 -30.37
N LYS E 97 -8.82 -0.19 -31.27
CA LYS E 97 -8.13 -1.14 -32.17
C LYS E 97 -7.41 -0.33 -33.27
N LEU E 98 -6.23 -0.77 -33.70
CA LEU E 98 -5.57 -0.25 -34.93
C LEU E 98 -6.54 -0.42 -36.10
N LEU E 99 -6.72 0.60 -36.94
CA LEU E 99 -7.45 0.49 -38.23
C LEU E 99 -6.45 0.28 -39.37
N THR E 100 -6.96 -0.12 -40.54
CA THR E 100 -6.20 -0.62 -41.70
C THR E 100 -5.18 0.41 -42.21
N GLY E 101 -5.54 1.69 -42.32
CA GLY E 101 -4.65 2.74 -42.89
C GLY E 101 -3.33 2.90 -42.13
N SER E 102 -3.20 2.31 -40.95
CA SER E 102 -2.01 2.48 -40.09
C SER E 102 -0.73 2.03 -40.82
N SER E 103 0.36 2.77 -40.59
CA SER E 103 1.75 2.39 -40.96
C SER E 103 2.11 1.09 -40.25
N LEU E 104 1.61 0.93 -39.03
CA LEU E 104 1.87 -0.23 -38.15
C LEU E 104 0.86 -1.34 -38.49
N ASP E 105 1.37 -2.55 -38.77
CA ASP E 105 0.57 -3.78 -38.94
C ASP E 105 0.32 -4.37 -37.55
N GLY E 106 -0.92 -4.75 -37.25
CA GLY E 106 -1.40 -5.11 -35.90
C GLY E 106 -0.94 -6.47 -35.40
N ASN E 107 -0.30 -7.29 -36.25
CA ASN E 107 0.28 -8.62 -35.91
C ASN E 107 0.71 -8.70 -34.43
N TYR E 108 1.67 -7.84 -34.06
CA TYR E 108 2.44 -7.89 -32.80
C TYR E 108 2.29 -6.55 -32.08
N TRP E 109 1.20 -5.84 -32.33
CA TRP E 109 0.77 -4.69 -31.49
C TRP E 109 -0.33 -5.19 -30.57
N ASN E 110 -0.08 -5.28 -29.28
CA ASN E 110 -1.06 -5.87 -28.33
C ASN E 110 -0.59 -5.57 -26.91
N TYR E 111 -1.33 -6.01 -25.89
CA TYR E 111 -0.93 -5.89 -24.47
C TYR E 111 0.31 -6.76 -24.27
N LYS E 112 1.09 -6.47 -23.22
CA LYS E 112 2.36 -7.14 -22.85
C LYS E 112 2.05 -8.43 -22.08
N ASN E 113 2.78 -9.52 -22.38
CA ASN E 113 2.78 -10.78 -21.58
C ASN E 113 4.09 -10.93 -20.82
N LYS E 114 5.22 -11.07 -21.52
CA LYS E 114 6.56 -11.32 -20.92
C LYS E 114 7.58 -11.26 -22.05
N ASP E 115 7.89 -10.04 -22.49
CA ASP E 115 8.72 -9.72 -23.68
C ASP E 115 7.95 -10.07 -24.95
N SER E 116 6.66 -10.38 -24.83
CA SER E 116 5.79 -10.70 -25.98
C SER E 116 4.35 -10.24 -25.75
N VAL E 117 3.50 -10.45 -26.75
CA VAL E 117 2.08 -10.05 -26.72
C VAL E 117 1.30 -11.18 -26.05
N ILE E 118 0.16 -10.82 -25.46
CA ILE E 118 -0.86 -11.70 -24.86
C ILE E 118 -1.53 -12.51 -25.98
N GLY E 119 -1.44 -13.84 -25.91
CA GLY E 119 -2.25 -14.78 -26.72
C GLY E 119 -3.00 -14.11 -27.86
N SER E 120 -4.33 -13.94 -27.70
CA SER E 120 -5.30 -13.46 -28.71
C SER E 120 -5.33 -11.93 -28.75
N PRO E 121 -5.62 -11.29 -29.91
CA PRO E 121 -5.67 -9.82 -30.00
C PRO E 121 -6.74 -9.12 -29.15
N TYR E 122 -6.48 -7.89 -28.69
CA TYR E 122 -7.34 -7.16 -27.73
C TYR E 122 -8.57 -6.59 -28.45
N GLU E 123 -9.70 -6.52 -27.74
CA GLU E 123 -10.98 -5.98 -28.30
C GLU E 123 -11.25 -4.56 -27.80
N ASN E 124 -10.44 -4.03 -26.87
CA ASN E 124 -10.63 -2.69 -26.25
C ASN E 124 -9.31 -2.12 -25.72
N ALA E 125 -8.92 -0.91 -26.12
CA ALA E 125 -7.71 -0.23 -25.61
C ALA E 125 -7.95 1.26 -25.46
N VAL E 126 -9.17 1.67 -25.13
CA VAL E 126 -9.61 3.09 -25.03
C VAL E 126 -8.74 3.85 -24.03
N PRO E 127 -8.35 3.27 -22.86
CA PRO E 127 -7.53 4.01 -21.90
C PRO E 127 -6.09 4.41 -22.30
N PHE E 128 -5.64 4.04 -23.52
CA PHE E 128 -4.30 4.33 -24.10
C PHE E 128 -4.40 5.33 -25.23
N MET E 129 -5.63 5.59 -25.67
CA MET E 129 -5.95 6.61 -26.68
C MET E 129 -5.73 7.99 -26.06
N PRO E 130 -5.10 8.93 -26.79
CA PRO E 130 -5.12 10.33 -26.40
C PRO E 130 -6.55 10.84 -26.12
N ASN E 131 -6.69 11.64 -25.09
CA ASN E 131 -7.96 12.24 -24.61
C ASN E 131 -8.58 13.13 -25.70
N SER E 132 -9.84 12.89 -26.08
CA SER E 132 -10.69 13.74 -26.96
C SER E 132 -10.71 15.19 -26.49
N THR E 133 -10.99 15.36 -25.20
CA THR E 133 -11.15 16.65 -24.50
C THR E 133 -9.86 17.44 -24.72
N ALA E 134 -8.69 16.85 -24.47
CA ALA E 134 -7.38 17.56 -24.48
C ALA E 134 -6.92 17.77 -25.91
N TYR E 135 -7.20 16.82 -26.77
CA TYR E 135 -6.70 16.79 -28.16
C TYR E 135 -7.87 16.61 -29.13
N PRO E 136 -8.76 17.60 -29.29
CA PRO E 136 -9.97 17.35 -30.09
C PRO E 136 -9.56 17.28 -31.57
N LYS E 137 -10.24 16.44 -32.35
CA LYS E 137 -9.95 16.16 -33.78
C LYS E 137 -9.90 17.45 -34.62
N ILE E 138 -11.01 18.15 -34.74
CA ILE E 138 -11.02 19.39 -35.58
C ILE E 138 -10.91 20.54 -34.59
N ILE E 139 -10.12 21.56 -34.95
CA ILE E 139 -10.05 22.88 -34.25
C ILE E 139 -10.15 24.00 -35.30
N ASN E 140 -10.87 25.08 -35.00
CA ASN E 140 -11.01 26.30 -35.85
C ASN E 140 -11.37 27.50 -34.95
N ASN E 141 -10.70 28.65 -35.13
CA ASN E 141 -10.75 29.75 -34.12
C ASN E 141 -11.00 31.15 -34.74
N GLY E 142 -11.39 31.24 -36.01
CA GLY E 142 -11.63 32.53 -36.67
C GLY E 142 -12.71 33.32 -35.93
N THR E 143 -13.88 32.71 -35.72
CA THR E 143 -15.01 33.20 -34.88
C THR E 143 -14.56 33.39 -33.43
N ALA E 144 -13.80 32.40 -32.93
CA ALA E 144 -13.58 32.03 -31.51
C ALA E 144 -13.22 33.24 -30.64
N ASN E 145 -14.16 33.66 -29.77
CA ASN E 145 -13.97 34.52 -28.57
C ASN E 145 -12.90 33.87 -27.68
N PRO E 146 -12.25 34.66 -26.78
CA PRO E 146 -11.09 34.18 -26.01
C PRO E 146 -11.32 32.91 -25.16
N GLU E 147 -12.55 32.57 -24.79
CA GLU E 147 -12.84 31.43 -23.89
C GLU E 147 -12.92 30.09 -24.67
N ASP E 148 -12.41 30.03 -25.91
CA ASP E 148 -12.40 28.87 -26.85
C ASP E 148 -11.58 27.67 -26.35
N LYS E 149 -12.00 26.46 -26.74
CA LYS E 149 -11.27 25.18 -26.51
C LYS E 149 -10.47 24.82 -27.79
N LYS E 150 -9.57 25.70 -28.24
CA LYS E 150 -8.59 25.34 -29.31
C LYS E 150 -7.14 25.48 -28.84
N SER E 151 -6.30 24.47 -29.08
CA SER E 151 -4.83 24.63 -29.23
C SER E 151 -4.34 23.58 -30.22
N ALA E 152 -4.28 23.94 -31.49
CA ALA E 152 -3.53 23.18 -32.52
C ALA E 152 -2.25 22.65 -31.87
N ALA E 153 -1.52 23.49 -31.11
CA ALA E 153 -0.14 23.19 -30.63
C ALA E 153 -0.19 22.14 -29.52
N LYS E 154 -1.11 22.30 -28.57
CA LYS E 154 -1.29 21.32 -27.48
C LYS E 154 -1.23 19.89 -28.03
N LYS E 155 -1.78 19.67 -29.22
CA LYS E 155 -1.93 18.32 -29.81
C LYS E 155 -0.56 17.81 -30.22
N THR E 156 0.51 18.49 -29.85
CA THR E 156 1.78 18.32 -30.57
C THR E 156 2.96 18.39 -29.59
N ILE E 157 3.91 17.49 -29.80
CA ILE E 157 5.22 17.44 -29.08
C ILE E 157 6.28 17.56 -30.16
N VAL E 158 7.08 18.61 -30.09
CA VAL E 158 8.18 18.86 -31.06
C VAL E 158 9.50 18.65 -30.35
N THR E 159 10.36 17.81 -30.88
CA THR E 159 11.65 17.47 -30.26
C THR E 159 12.53 16.95 -31.38
N ASN E 160 13.72 16.46 -31.07
CA ASN E 160 14.62 15.83 -32.07
C ASN E 160 14.88 14.39 -31.69
N VAL E 161 15.13 13.53 -32.66
CA VAL E 161 15.86 12.26 -32.43
C VAL E 161 17.17 12.35 -33.21
N TYR E 162 18.11 11.46 -32.90
CA TYR E 162 19.49 11.55 -33.41
C TYR E 162 19.85 10.25 -34.14
N LEU E 163 20.01 10.37 -35.45
CA LEU E 163 20.35 9.24 -36.34
C LEU E 163 21.72 8.69 -35.89
N GLY E 164 21.79 7.40 -35.59
CA GLY E 164 23.04 6.70 -35.20
C GLY E 164 23.41 6.88 -33.74
N GLY E 165 22.53 7.54 -32.96
CA GLY E 165 22.87 8.01 -31.59
C GLY E 165 23.89 9.12 -31.62
N ASP E 166 24.00 9.87 -32.74
CA ASP E 166 24.98 10.96 -32.99
C ASP E 166 24.29 12.31 -32.78
N ALA E 167 24.79 13.12 -31.86
CA ALA E 167 24.37 14.50 -31.59
C ALA E 167 24.44 15.36 -32.87
N ALA E 168 25.42 15.11 -33.76
CA ALA E 168 25.65 15.87 -35.02
C ALA E 168 24.61 15.56 -36.13
N LYS E 169 23.70 14.57 -35.93
CA LYS E 169 22.68 14.12 -36.91
C LYS E 169 21.25 14.26 -36.38
N PRO E 170 20.81 15.49 -36.05
CA PRO E 170 19.46 15.68 -35.52
C PRO E 170 18.34 15.44 -36.54
N VAL E 171 17.17 15.06 -36.04
CA VAL E 171 15.99 14.86 -36.90
C VAL E 171 14.78 15.48 -36.21
N ALA E 172 14.15 16.50 -36.84
CA ALA E 172 12.93 17.16 -36.33
C ALA E 172 11.82 16.11 -36.21
N THR E 173 11.33 15.88 -35.00
CA THR E 173 10.26 14.90 -34.75
C THR E 173 9.06 15.64 -34.19
N THR E 174 7.91 15.42 -34.77
CA THR E 174 6.67 16.01 -34.19
C THR E 174 5.73 14.83 -34.03
N ILE E 175 5.37 14.62 -32.79
CA ILE E 175 4.36 13.62 -32.38
C ILE E 175 3.07 14.44 -32.24
N SER E 176 2.01 14.01 -32.91
CA SER E 176 0.71 14.70 -32.91
C SER E 176 -0.36 13.69 -32.51
N PHE E 177 -1.35 14.08 -31.69
CA PHE E 177 -2.50 13.27 -31.18
C PHE E 177 -3.80 13.69 -31.88
N ASN E 178 -4.65 12.72 -32.24
CA ASN E 178 -6.00 12.90 -32.84
C ASN E 178 -5.98 13.95 -33.96
N LYS E 179 -5.03 13.89 -34.90
CA LYS E 179 -4.86 14.86 -36.03
C LYS E 179 -5.35 14.26 -37.37
N GLU E 180 -5.27 12.94 -37.53
CA GLU E 180 -5.61 12.20 -38.77
C GLU E 180 -7.13 12.00 -38.83
N THR E 181 -7.68 11.75 -40.02
CA THR E 181 -9.13 11.49 -40.26
C THR E 181 -9.35 10.32 -41.25
N GLU E 182 -8.27 9.72 -41.76
CA GLU E 182 -8.31 8.54 -42.65
C GLU E 182 -9.08 7.42 -41.95
N SER E 183 -9.75 6.55 -42.72
CA SER E 183 -10.43 5.31 -42.23
C SER E 183 -11.42 5.65 -41.11
N ASN E 184 -11.97 6.85 -41.14
CA ASN E 184 -12.97 7.33 -40.16
C ASN E 184 -12.49 6.94 -38.76
N CYS E 185 -11.23 7.19 -38.45
CA CYS E 185 -10.67 6.95 -37.08
C CYS E 185 -11.28 7.96 -36.10
N VAL E 186 -11.44 7.53 -34.85
CA VAL E 186 -11.76 8.41 -33.68
C VAL E 186 -10.46 8.99 -33.13
N TYR E 187 -9.42 8.15 -33.00
CA TYR E 187 -8.13 8.51 -32.33
C TYR E 187 -6.97 8.18 -33.23
N SER E 188 -5.82 8.83 -33.01
CA SER E 188 -4.63 8.75 -33.90
C SER E 188 -3.39 9.23 -33.15
N ILE E 189 -2.22 8.77 -33.56
CA ILE E 189 -0.87 9.17 -33.08
C ILE E 189 -0.04 9.19 -34.35
N THR E 190 0.52 10.32 -34.72
CA THR E 190 1.31 10.51 -35.95
C THR E 190 2.71 10.88 -35.50
N PHE E 191 3.74 10.27 -36.07
CA PHE E 191 5.16 10.66 -35.89
C PHE E 191 5.64 11.28 -37.20
N ASP E 192 5.80 12.59 -37.23
CA ASP E 192 6.33 13.33 -38.41
C ASP E 192 7.83 13.46 -38.19
N PHE E 193 8.64 13.10 -39.19
CA PHE E 193 10.12 13.25 -39.17
C PHE E 193 10.53 14.12 -40.34
N ALA E 194 11.50 15.02 -40.13
CA ALA E 194 12.07 15.92 -41.15
C ALA E 194 13.46 16.38 -40.76
N TRP E 195 14.21 16.90 -41.72
CA TRP E 195 15.58 17.40 -41.50
C TRP E 195 16.04 18.35 -42.61
N ASN E 196 16.97 19.25 -42.29
CA ASN E 196 17.54 20.29 -43.20
C ASN E 196 19.02 20.00 -43.57
N LYS E 197 19.75 19.18 -42.79
CA LYS E 197 21.16 18.75 -43.07
C LYS E 197 21.21 17.93 -44.37
N THR E 198 22.35 17.84 -45.07
CA THR E 198 22.53 16.91 -46.22
C THR E 198 23.28 15.67 -45.72
N TYR E 199 22.54 14.60 -45.39
CA TYR E 199 23.06 13.30 -44.89
C TYR E 199 23.49 12.42 -46.07
N LYS E 200 24.78 12.00 -46.06
CA LYS E 200 25.41 11.08 -47.04
C LYS E 200 25.57 9.67 -46.44
N ASN E 201 24.65 8.76 -46.78
CA ASN E 201 24.64 7.30 -46.48
C ASN E 201 24.49 7.07 -44.99
N VAL E 202 23.40 7.61 -44.44
CA VAL E 202 23.03 7.51 -43.01
C VAL E 202 21.73 6.72 -42.89
N PRO E 203 21.75 5.47 -42.37
CA PRO E 203 20.50 4.75 -42.13
C PRO E 203 19.58 5.55 -41.20
N PHE E 204 18.28 5.31 -41.31
CA PHE E 204 17.35 5.86 -40.32
C PHE E 204 17.30 4.85 -39.19
N ASP E 205 18.27 4.99 -38.29
CA ASP E 205 18.46 4.25 -37.02
C ASP E 205 18.40 5.29 -35.91
N SER E 206 17.19 5.59 -35.43
CA SER E 206 16.91 6.70 -34.50
C SER E 206 17.36 6.34 -33.08
N SER E 207 17.83 7.33 -32.33
CA SER E 207 17.87 7.31 -30.84
C SER E 207 16.43 7.17 -30.26
N SER E 208 16.30 6.66 -29.03
CA SER E 208 15.02 6.52 -28.29
C SER E 208 14.56 7.90 -27.76
N LEU E 209 13.26 8.09 -27.70
CA LEU E 209 12.59 9.37 -27.38
C LEU E 209 11.47 9.04 -26.41
N THR E 210 11.49 9.59 -25.20
CA THR E 210 10.43 9.53 -24.17
C THR E 210 9.39 10.65 -24.42
N PHE E 211 8.10 10.39 -24.28
CA PHE E 211 7.04 11.43 -24.29
C PHE E 211 5.84 10.96 -23.46
N SER E 212 4.90 11.88 -23.15
CA SER E 212 3.67 11.55 -22.43
C SER E 212 2.54 12.36 -23.03
N TYR E 213 1.33 11.84 -22.93
CA TYR E 213 0.10 12.55 -23.30
C TYR E 213 -1.00 12.14 -22.34
N ILE E 214 -1.97 13.03 -22.23
CA ILE E 214 -3.16 12.83 -21.39
C ILE E 214 -3.97 11.69 -21.99
N ALA E 215 -4.39 10.75 -21.15
CA ALA E 215 -5.09 9.52 -21.54
C ALA E 215 -6.61 9.76 -21.52
N GLN E 216 -7.33 9.09 -22.40
CA GLN E 216 -8.82 8.99 -22.39
C GLN E 216 -9.20 8.05 -21.25
N ASP E 217 -10.30 8.26 -20.52
CA ASP E 217 -10.79 7.31 -19.47
C ASP E 217 -11.76 6.31 -20.11
N ALA E 218 -11.96 5.13 -19.50
CA ALA E 218 -12.92 4.11 -20.02
C ALA E 218 -14.37 4.61 -19.83
N GLU E 219 -15.13 4.70 -20.94
CA GLU E 219 -16.61 4.97 -21.07
C GLU E 219 -16.99 6.41 -20.72
N GLU F 20 5.35 -1.51 -0.50
CA GLU F 20 4.45 -0.50 -1.13
C GLU F 20 5.23 0.19 -2.27
N ASN F 21 5.08 1.52 -2.40
CA ASN F 21 5.67 2.37 -3.48
C ASN F 21 7.17 2.57 -3.28
N ASP F 22 7.64 2.57 -2.03
CA ASP F 22 9.05 2.88 -1.66
C ASP F 22 9.97 1.84 -2.33
N ARG F 23 9.45 0.62 -2.55
CA ARG F 23 10.16 -0.50 -3.23
C ARG F 23 10.16 -0.29 -4.75
N ARG F 24 9.36 0.64 -5.28
CA ARG F 24 9.35 0.95 -6.73
C ARG F 24 10.46 1.94 -7.05
N THR F 25 11.18 2.45 -6.06
CA THR F 25 12.25 3.46 -6.30
C THR F 25 13.60 2.92 -5.85
N LEU F 26 14.53 2.91 -6.78
CA LEU F 26 15.95 2.56 -6.61
C LEU F 26 16.74 3.81 -6.86
N TRP F 27 17.42 4.39 -5.88
CA TRP F 27 18.03 5.72 -6.07
C TRP F 27 19.28 5.95 -5.22
N THR F 28 20.12 6.88 -5.68
CA THR F 28 20.98 7.82 -4.93
C THR F 28 20.08 8.54 -3.92
N THR F 29 20.47 9.12 -2.82
CA THR F 29 19.44 9.94 -2.14
C THR F 29 19.08 11.18 -2.98
N PRO F 30 17.94 11.86 -2.74
CA PRO F 30 17.65 13.11 -3.43
C PRO F 30 18.78 14.13 -3.21
N ASP F 31 19.42 14.15 -2.07
CA ASP F 31 20.55 15.09 -1.82
C ASP F 31 21.75 14.28 -1.32
N PRO F 32 22.56 13.69 -2.21
CA PRO F 32 23.62 12.77 -1.81
C PRO F 32 24.92 13.53 -1.62
N GLU F 33 25.81 12.99 -0.78
CA GLU F 33 27.21 13.48 -0.59
C GLU F 33 28.01 13.05 -1.81
N ALA F 34 29.29 13.41 -1.88
CA ALA F 34 30.14 13.02 -3.01
C ALA F 34 30.00 11.49 -3.11
N ASN F 35 29.58 10.98 -4.26
CA ASN F 35 29.23 9.54 -4.43
C ASN F 35 29.77 9.01 -5.75
N CYS F 36 30.46 9.81 -6.58
CA CYS F 36 30.68 9.49 -8.01
C CYS F 36 32.07 9.89 -8.48
N LYS F 37 32.63 9.21 -9.48
CA LYS F 37 34.02 9.46 -10.01
C LYS F 37 33.96 9.91 -11.49
N VAL F 38 34.53 11.07 -11.80
CA VAL F 38 34.57 11.61 -13.19
C VAL F 38 36.00 11.66 -13.73
N SER F 39 36.94 12.04 -12.85
CA SER F 39 38.37 12.28 -13.11
C SER F 39 39.20 11.61 -12.01
N GLU F 40 38.85 11.92 -10.75
CA GLU F 40 39.47 11.48 -9.46
C GLU F 40 38.34 10.87 -8.61
N GLU F 41 38.65 10.27 -7.46
CA GLU F 41 37.71 9.52 -6.58
C GLU F 41 36.69 10.47 -5.93
N LYS F 42 35.39 10.12 -5.91
CA LYS F 42 34.34 10.88 -5.18
C LYS F 42 34.45 12.40 -5.45
N ASP F 43 34.56 12.83 -6.71
CA ASP F 43 34.69 14.26 -7.12
C ASP F 43 33.36 14.82 -7.65
N SER F 44 32.27 14.07 -7.54
CA SER F 44 30.95 14.42 -8.12
C SER F 44 29.81 13.83 -7.30
N LYS F 45 28.74 14.60 -7.21
CA LYS F 45 27.45 14.19 -6.62
C LYS F 45 26.53 13.89 -7.78
N LEU F 46 26.25 12.62 -7.97
CA LEU F 46 25.34 12.15 -9.02
C LEU F 46 23.99 12.02 -8.33
N THR F 47 22.96 12.78 -8.74
CA THR F 47 21.57 12.55 -8.31
C THR F 47 20.86 11.72 -9.37
N LEU F 48 20.46 10.48 -9.07
CA LEU F 48 19.88 9.55 -10.05
C LEU F 48 18.75 8.87 -9.32
N VAL F 49 17.51 9.03 -9.78
CA VAL F 49 16.30 8.35 -9.27
C VAL F 49 15.74 7.50 -10.41
N LEU F 50 15.49 6.20 -10.15
CA LEU F 50 14.79 5.25 -11.04
C LEU F 50 13.51 4.80 -10.33
N THR F 51 12.37 4.88 -11.00
CA THR F 51 11.04 4.54 -10.48
C THR F 51 10.37 3.57 -11.45
N LYS F 52 9.66 2.59 -10.92
CA LYS F 52 9.16 1.48 -11.75
C LYS F 52 7.72 1.86 -12.00
N CYS F 53 7.47 2.35 -13.21
CA CYS F 53 6.16 2.65 -13.83
C CYS F 53 5.92 1.59 -14.90
N GLY F 54 5.19 0.55 -14.54
CA GLY F 54 4.84 -0.57 -15.43
C GLY F 54 6.08 -1.22 -16.04
N SER F 55 6.08 -1.31 -17.36
CA SER F 55 7.12 -1.98 -18.16
C SER F 55 8.30 -1.03 -18.37
N GLN F 56 8.19 0.22 -17.90
CA GLN F 56 9.20 1.29 -18.10
C GLN F 56 9.73 1.75 -16.74
N ILE F 57 11.00 2.19 -16.75
CA ILE F 57 11.65 2.92 -15.64
C ILE F 57 11.56 4.42 -15.97
N LEU F 58 10.93 5.21 -15.12
CA LEU F 58 10.96 6.68 -15.19
C LEU F 58 12.14 7.16 -14.35
N ALA F 59 13.13 7.74 -15.02
CA ALA F 59 14.43 8.20 -14.50
C ALA F 59 14.49 9.74 -14.45
N SER F 60 15.22 10.28 -13.50
CA SER F 60 15.59 11.71 -13.43
C SER F 60 17.01 11.79 -12.88
N VAL F 61 17.92 12.48 -13.59
CA VAL F 61 19.38 12.56 -13.34
C VAL F 61 19.80 14.03 -13.37
N SER F 62 20.79 14.36 -12.55
CA SER F 62 21.49 15.65 -12.43
C SER F 62 22.93 15.34 -11.98
N LEU F 63 23.93 16.09 -12.44
CA LEU F 63 25.34 15.84 -12.10
C LEU F 63 26.01 17.13 -11.66
N LEU F 64 26.43 17.24 -10.41
CA LEU F 64 27.29 18.34 -9.92
C LEU F 64 28.69 17.75 -9.65
N VAL F 65 29.73 18.31 -10.24
CA VAL F 65 31.12 17.87 -9.89
C VAL F 65 31.75 18.96 -9.02
N VAL F 66 32.38 18.55 -7.93
CA VAL F 66 32.73 19.44 -6.80
C VAL F 66 34.26 19.62 -6.73
N LYS F 67 35.07 18.77 -7.38
CA LYS F 67 36.56 18.93 -7.38
C LYS F 67 37.19 18.34 -8.64
N GLY F 68 38.48 18.60 -8.84
CA GLY F 68 39.28 18.11 -9.98
C GLY F 68 38.88 18.73 -11.32
N LYS F 69 39.24 18.03 -12.41
CA LYS F 69 39.35 18.49 -13.81
C LYS F 69 38.08 19.23 -14.27
N PHE F 70 36.91 18.73 -13.87
CA PHE F 70 35.62 19.21 -14.40
C PHE F 70 34.86 20.06 -13.37
N ALA F 71 35.54 20.48 -12.30
CA ALA F 71 34.92 21.31 -11.24
C ALA F 71 34.84 22.76 -11.71
N ASN F 72 35.85 23.22 -12.44
CA ASN F 72 35.94 24.60 -12.97
C ASN F 72 36.45 24.57 -14.41
N ILE F 73 35.56 24.29 -15.36
CA ILE F 73 35.93 24.13 -16.79
C ILE F 73 36.46 25.47 -17.29
N ASN F 74 37.59 25.41 -17.99
CA ASN F 74 38.24 26.55 -18.69
C ASN F 74 38.97 25.97 -19.90
N ASN F 75 38.24 25.85 -21.00
CA ASN F 75 38.74 25.27 -22.28
C ASN F 75 39.60 26.32 -23.00
N LYS F 76 39.68 27.53 -22.45
CA LYS F 76 40.57 28.61 -22.94
C LYS F 76 41.99 28.23 -22.54
N THR F 77 42.19 27.91 -21.26
CA THR F 77 43.52 27.54 -20.70
C THR F 77 43.79 26.03 -20.88
N ASN F 78 42.75 25.19 -21.04
CA ASN F 78 42.88 23.73 -21.34
C ASN F 78 42.04 23.35 -22.56
N PRO F 79 42.48 23.61 -23.81
CA PRO F 79 41.75 23.13 -24.98
C PRO F 79 42.08 21.65 -25.16
N GLY F 80 41.32 20.93 -25.99
CA GLY F 80 41.65 19.53 -26.30
C GLY F 80 40.66 18.56 -25.69
N GLU F 81 40.37 17.50 -26.44
CA GLU F 81 39.13 16.70 -26.29
C GLU F 81 38.88 16.35 -24.83
N ASP F 82 39.90 15.83 -24.13
CA ASP F 82 39.73 15.20 -22.80
C ASP F 82 39.40 16.28 -21.76
N TYR F 83 39.54 17.57 -22.07
CA TYR F 83 39.03 18.68 -21.21
C TYR F 83 37.58 19.07 -21.60
N LYS F 84 37.00 18.46 -22.65
CA LYS F 84 35.69 18.90 -23.23
C LYS F 84 34.69 17.72 -23.39
N LYS F 85 34.92 16.57 -22.74
CA LYS F 85 33.99 15.41 -22.59
C LYS F 85 34.47 14.48 -21.47
N PHE F 86 33.55 13.69 -20.90
CA PHE F 86 33.75 12.67 -19.83
C PHE F 86 32.50 11.80 -19.78
N SER F 87 32.55 10.64 -19.15
CA SER F 87 31.34 9.81 -19.00
C SER F 87 31.22 9.29 -17.56
N VAL F 88 30.07 8.72 -17.23
CA VAL F 88 29.71 8.16 -15.91
C VAL F 88 29.05 6.81 -16.19
N LYS F 89 29.64 5.72 -15.69
CA LYS F 89 29.23 4.33 -15.96
C LYS F 89 28.64 3.74 -14.67
N LEU F 90 27.40 3.26 -14.74
CA LEU F 90 26.83 2.28 -13.77
C LEU F 90 26.90 0.91 -14.43
N LEU F 91 27.69 -0.02 -13.86
CA LEU F 91 27.85 -1.41 -14.34
C LEU F 91 27.02 -2.31 -13.42
N PHE F 92 26.27 -3.25 -13.94
CA PHE F 92 25.41 -4.16 -13.13
C PHE F 92 25.66 -5.63 -13.47
N ASP F 93 25.41 -6.48 -12.49
CA ASP F 93 25.61 -7.94 -12.57
C ASP F 93 24.23 -8.55 -12.82
N ALA F 94 24.12 -9.87 -13.02
CA ALA F 94 22.87 -10.55 -13.44
C ALA F 94 21.71 -10.26 -12.46
N ASN F 95 22.00 -9.94 -11.19
CA ASN F 95 20.99 -9.62 -10.13
C ASN F 95 20.72 -8.09 -10.02
N GLY F 96 21.43 -7.24 -10.76
CA GLY F 96 21.20 -5.77 -10.77
C GLY F 96 21.93 -5.02 -9.67
N LYS F 97 22.95 -5.65 -9.07
CA LYS F 97 23.92 -5.02 -8.13
C LYS F 97 25.01 -4.26 -8.89
N LEU F 98 25.41 -3.10 -8.36
CA LEU F 98 26.49 -2.23 -8.94
C LEU F 98 27.80 -3.00 -8.88
N LEU F 99 28.56 -3.08 -9.98
CA LEU F 99 29.91 -3.72 -9.92
C LEU F 99 31.03 -2.71 -9.60
N THR F 100 32.25 -3.18 -9.37
CA THR F 100 33.34 -2.35 -8.81
C THR F 100 33.78 -1.24 -9.75
N GLY F 101 33.99 -1.54 -11.03
CA GLY F 101 34.48 -0.54 -12.02
C GLY F 101 33.49 0.60 -12.30
N SER F 102 32.36 0.66 -11.60
CA SER F 102 31.38 1.77 -11.81
C SER F 102 31.98 3.07 -11.32
N SER F 103 31.66 4.15 -12.03
CA SER F 103 31.74 5.56 -11.60
C SER F 103 31.02 5.80 -10.24
N LEU F 104 29.80 5.28 -10.06
CA LEU F 104 28.98 5.50 -8.84
C LEU F 104 29.40 4.51 -7.73
N ASP F 105 29.70 5.00 -6.51
CA ASP F 105 29.95 4.17 -5.31
C ASP F 105 28.62 3.56 -4.82
N GLY F 106 28.62 2.26 -4.51
CA GLY F 106 27.39 1.49 -4.18
C GLY F 106 26.79 1.81 -2.82
N ASN F 107 27.52 2.51 -1.96
CA ASN F 107 27.16 2.68 -0.53
C ASN F 107 25.85 3.47 -0.35
N TYR F 108 25.64 4.55 -1.11
CA TYR F 108 24.37 5.31 -1.11
C TYR F 108 23.83 5.25 -2.54
N TRP F 109 23.67 3.98 -2.96
CA TRP F 109 22.82 3.43 -4.04
C TRP F 109 22.01 2.25 -3.46
N ASN F 110 20.73 2.46 -3.17
CA ASN F 110 19.80 1.47 -2.58
C ASN F 110 18.36 1.87 -2.88
N TYR F 111 17.40 1.03 -2.50
CA TYR F 111 15.95 1.33 -2.53
C TYR F 111 15.61 2.42 -1.51
N LYS F 112 14.43 3.02 -1.65
CA LYS F 112 14.04 4.24 -0.89
C LYS F 112 13.29 3.90 0.41
N ASN F 113 13.72 4.53 1.51
CA ASN F 113 12.97 4.60 2.80
C ASN F 113 13.05 6.04 3.32
N LYS F 114 11.90 6.69 3.53
CA LYS F 114 11.78 8.14 3.89
C LYS F 114 12.55 8.96 2.83
N ASP F 115 13.49 9.79 3.31
CA ASP F 115 14.31 10.78 2.55
C ASP F 115 15.68 10.18 2.24
N SER F 116 15.85 8.87 2.43
CA SER F 116 17.15 8.16 2.52
C SER F 116 17.01 6.70 2.06
N VAL F 117 17.99 5.86 2.41
CA VAL F 117 18.06 4.46 1.92
C VAL F 117 17.87 3.50 3.09
N ILE F 118 17.31 2.36 2.73
CA ILE F 118 17.26 1.05 3.46
C ILE F 118 18.64 0.75 4.07
N GLY F 119 18.65 0.23 5.31
CA GLY F 119 19.83 -0.18 6.10
C GLY F 119 20.77 -1.14 5.38
N SER F 120 20.29 -2.25 4.81
CA SER F 120 21.13 -3.34 4.25
C SER F 120 21.25 -3.22 2.73
N PRO F 121 22.45 -3.42 2.10
CA PRO F 121 22.54 -3.41 0.64
C PRO F 121 21.61 -4.44 -0.03
N TYR F 122 20.99 -4.14 -1.17
CA TYR F 122 19.87 -4.95 -1.77
C TYR F 122 20.42 -6.17 -2.50
N GLU F 123 19.59 -7.21 -2.61
CA GLU F 123 19.97 -8.56 -3.13
C GLU F 123 19.58 -8.69 -4.60
N ASN F 124 18.46 -8.10 -5.02
CA ASN F 124 17.91 -8.19 -6.40
C ASN F 124 17.20 -6.88 -6.80
N ALA F 125 17.74 -6.20 -7.83
CA ALA F 125 17.17 -5.02 -8.53
C ALA F 125 17.23 -5.27 -10.05
N VAL F 126 16.95 -6.49 -10.47
CA VAL F 126 16.75 -6.84 -11.91
C VAL F 126 15.59 -6.04 -12.51
N PRO F 127 14.41 -5.86 -11.83
CA PRO F 127 13.27 -5.15 -12.44
C PRO F 127 13.52 -3.69 -12.85
N PHE F 128 14.69 -3.14 -12.49
CA PHE F 128 15.14 -1.76 -12.78
C PHE F 128 16.22 -1.76 -13.86
N MET F 129 16.50 -2.91 -14.46
CA MET F 129 17.62 -2.98 -15.41
C MET F 129 17.07 -2.71 -16.80
N PRO F 130 17.89 -2.12 -17.70
CA PRO F 130 17.46 -1.88 -19.06
C PRO F 130 17.27 -3.22 -19.74
N ASN F 131 16.04 -3.49 -20.12
CA ASN F 131 15.57 -4.70 -20.85
C ASN F 131 16.60 -5.20 -21.89
N SER F 132 16.86 -6.52 -21.91
CA SER F 132 17.92 -7.26 -22.68
C SER F 132 17.53 -7.44 -24.15
N THR F 133 16.30 -7.92 -24.37
CA THR F 133 15.61 -8.05 -25.68
C THR F 133 15.61 -6.72 -26.44
N ALA F 134 15.37 -5.60 -25.75
CA ALA F 134 15.19 -4.24 -26.35
C ALA F 134 16.56 -3.63 -26.59
N TYR F 135 17.42 -3.71 -25.57
CA TYR F 135 18.76 -3.11 -25.55
C TYR F 135 19.73 -4.28 -25.41
N PRO F 136 19.93 -5.06 -26.52
CA PRO F 136 20.78 -6.25 -26.50
C PRO F 136 22.26 -5.89 -26.49
N LYS F 137 23.08 -6.62 -25.73
CA LYS F 137 24.46 -6.21 -25.33
C LYS F 137 25.49 -6.56 -26.41
N ILE F 138 25.50 -7.81 -26.85
CA ILE F 138 26.60 -8.32 -27.73
C ILE F 138 26.69 -7.34 -28.92
N ILE F 139 25.53 -6.87 -29.42
CA ILE F 139 25.36 -6.02 -30.65
C ILE F 139 25.80 -6.82 -31.90
N ASN F 140 25.89 -8.16 -31.76
CA ASN F 140 25.81 -9.22 -32.82
C ASN F 140 26.84 -8.97 -33.93
N ASN F 141 28.13 -8.86 -33.57
CA ASN F 141 29.19 -8.32 -34.48
C ASN F 141 29.46 -9.28 -35.66
N GLY F 142 29.50 -10.60 -35.45
CA GLY F 142 29.89 -11.60 -36.47
C GLY F 142 28.71 -12.11 -37.30
N THR F 143 27.80 -11.21 -37.72
CA THR F 143 26.52 -11.53 -38.43
C THR F 143 26.22 -10.45 -39.49
N ALA F 144 25.47 -10.79 -40.55
CA ALA F 144 25.10 -9.94 -41.72
C ALA F 144 24.56 -8.55 -41.30
N ASN F 145 25.36 -7.49 -41.48
CA ASN F 145 25.17 -6.11 -40.92
C ASN F 145 24.11 -5.32 -41.70
N PRO F 146 24.12 -5.23 -43.05
CA PRO F 146 23.20 -4.34 -43.78
C PRO F 146 21.70 -4.73 -43.68
N GLU F 147 21.45 -6.05 -43.71
CA GLU F 147 20.13 -6.72 -43.51
C GLU F 147 19.56 -6.39 -42.12
N ASP F 148 18.33 -6.83 -41.81
CA ASP F 148 17.68 -6.71 -40.47
C ASP F 148 18.70 -7.11 -39.40
N LYS F 149 19.23 -6.16 -38.65
CA LYS F 149 20.23 -6.42 -37.58
C LYS F 149 19.69 -5.77 -36.32
N LYS F 150 20.23 -6.15 -35.17
CA LYS F 150 19.94 -5.44 -33.89
C LYS F 150 20.55 -4.02 -34.01
N SER F 151 19.78 -3.00 -33.62
CA SER F 151 20.10 -1.56 -33.76
C SER F 151 20.95 -1.08 -32.59
N ALA F 152 21.96 -0.22 -32.83
CA ALA F 152 22.79 0.40 -31.78
C ALA F 152 22.09 1.69 -31.27
N ALA F 153 21.48 2.50 -32.16
CA ALA F 153 20.89 3.82 -31.80
C ALA F 153 19.70 3.65 -30.85
N LYS F 154 18.91 2.60 -31.05
CA LYS F 154 17.76 2.27 -30.16
C LYS F 154 18.19 2.28 -28.69
N LYS F 155 19.44 1.90 -28.43
CA LYS F 155 20.02 1.71 -27.08
C LYS F 155 20.37 3.05 -26.44
N THR F 156 19.88 4.16 -27.00
CA THR F 156 20.50 5.51 -26.81
C THR F 156 19.44 6.61 -26.60
N ILE F 157 19.69 7.53 -25.68
CA ILE F 157 18.88 8.78 -25.61
C ILE F 157 19.85 9.94 -25.79
N VAL F 158 19.60 10.84 -26.74
CA VAL F 158 20.48 11.99 -27.03
C VAL F 158 19.69 13.27 -26.76
N THR F 159 20.30 14.18 -26.05
CA THR F 159 19.61 15.36 -25.50
C THR F 159 20.71 16.22 -24.88
N ASN F 160 20.33 17.38 -24.37
CA ASN F 160 21.25 18.41 -23.83
C ASN F 160 20.84 18.60 -22.37
N VAL F 161 21.81 18.75 -21.47
CA VAL F 161 21.52 19.37 -20.16
C VAL F 161 22.25 20.70 -20.25
N TYR F 162 22.01 21.62 -19.31
CA TYR F 162 22.55 23.01 -19.38
C TYR F 162 23.31 23.31 -18.08
N LEU F 163 24.53 23.85 -18.24
CA LEU F 163 25.40 24.19 -17.08
C LEU F 163 24.85 25.41 -16.35
N GLY F 164 24.71 25.31 -15.02
CA GLY F 164 24.19 26.39 -14.18
C GLY F 164 22.76 26.72 -14.53
N GLY F 165 22.06 25.83 -15.26
CA GLY F 165 20.72 26.06 -15.80
C GLY F 165 20.69 27.15 -16.85
N ASP F 166 21.83 27.52 -17.47
CA ASP F 166 21.90 28.56 -18.52
C ASP F 166 21.61 27.96 -19.92
N ALA F 167 20.58 28.47 -20.60
CA ALA F 167 20.24 28.12 -21.99
C ALA F 167 21.46 28.35 -22.90
N ALA F 168 22.37 29.26 -22.55
CA ALA F 168 23.54 29.66 -23.39
C ALA F 168 24.70 28.69 -23.22
N LYS F 169 24.53 27.60 -22.48
CA LYS F 169 25.66 26.72 -22.07
C LYS F 169 25.20 25.26 -22.10
N PRO F 170 24.85 24.75 -23.28
CA PRO F 170 24.43 23.35 -23.44
C PRO F 170 25.59 22.36 -23.37
N VAL F 171 25.23 21.12 -23.12
CA VAL F 171 26.19 19.98 -23.08
C VAL F 171 25.47 18.79 -23.69
N ALA F 172 26.04 18.23 -24.77
CA ALA F 172 25.49 17.03 -25.43
C ALA F 172 25.50 15.92 -24.39
N THR F 173 24.35 15.29 -24.19
CA THR F 173 24.17 14.21 -23.20
C THR F 173 23.63 12.97 -23.89
N THR F 174 24.41 11.88 -23.86
CA THR F 174 24.01 10.56 -24.37
C THR F 174 23.80 9.61 -23.18
N ILE F 175 22.68 8.94 -23.14
CA ILE F 175 22.35 7.93 -22.11
C ILE F 175 22.25 6.64 -22.90
N SER F 176 23.19 5.73 -22.73
CA SER F 176 23.24 4.43 -23.44
C SER F 176 22.91 3.35 -22.43
N PHE F 177 22.14 2.37 -22.84
CA PHE F 177 21.87 1.14 -22.07
C PHE F 177 22.65 -0.02 -22.65
N ASN F 178 23.17 -0.88 -21.74
CA ASN F 178 23.76 -2.21 -22.04
C ASN F 178 24.79 -2.06 -23.16
N LYS F 179 25.63 -1.03 -23.11
CA LYS F 179 26.67 -0.72 -24.12
C LYS F 179 28.04 -1.14 -23.59
N GLU F 180 28.16 -1.18 -22.25
CA GLU F 180 29.40 -1.42 -21.49
C GLU F 180 29.60 -2.93 -21.38
N THR F 181 30.88 -3.35 -21.27
CA THR F 181 31.31 -4.77 -21.16
C THR F 181 32.16 -4.99 -19.90
N GLU F 182 32.51 -3.96 -19.15
CA GLU F 182 33.60 -3.94 -18.15
C GLU F 182 33.15 -4.69 -16.89
N SER F 183 34.05 -5.40 -16.20
CA SER F 183 33.74 -6.19 -14.97
C SER F 183 32.72 -7.31 -15.27
N ASN F 184 32.64 -7.81 -16.50
CA ASN F 184 31.63 -8.83 -16.95
C ASN F 184 30.20 -8.39 -16.59
N CYS F 185 29.90 -7.09 -16.63
CA CYS F 185 28.52 -6.63 -16.39
C CYS F 185 27.58 -7.31 -17.38
N VAL F 186 26.32 -7.51 -17.00
CA VAL F 186 25.26 -7.90 -17.96
C VAL F 186 24.42 -6.63 -18.32
N TYR F 187 24.33 -5.67 -17.42
CA TYR F 187 23.51 -4.45 -17.58
C TYR F 187 24.33 -3.20 -17.29
N SER F 188 24.13 -2.11 -18.04
CA SER F 188 24.78 -0.80 -17.78
C SER F 188 23.83 0.36 -18.08
N ILE F 189 24.04 1.46 -17.37
CA ILE F 189 23.51 2.79 -17.72
C ILE F 189 24.75 3.69 -17.85
N THR F 190 24.92 4.38 -18.98
CA THR F 190 26.11 5.22 -19.32
C THR F 190 25.64 6.64 -19.66
N PHE F 191 26.18 7.63 -18.97
CA PHE F 191 25.96 9.07 -19.22
C PHE F 191 27.23 9.62 -19.91
N ASP F 192 27.15 9.91 -21.21
CA ASP F 192 28.23 10.56 -22.00
C ASP F 192 27.96 12.07 -22.15
N PHE F 193 28.86 12.90 -21.63
CA PHE F 193 28.84 14.38 -21.71
C PHE F 193 30.01 14.85 -22.58
N ALA F 194 29.70 15.57 -23.64
CA ALA F 194 30.64 16.28 -24.54
C ALA F 194 30.07 17.68 -24.84
N TRP F 195 30.97 18.64 -25.10
CA TRP F 195 30.63 20.01 -25.53
C TRP F 195 31.62 20.49 -26.57
N ASN F 196 31.21 21.28 -27.58
CA ASN F 196 32.13 21.95 -28.54
C ASN F 196 32.59 23.31 -28.01
N LYS F 197 31.71 24.10 -27.37
CA LYS F 197 31.98 25.52 -26.93
C LYS F 197 33.24 25.54 -26.06
N THR F 198 33.87 26.70 -25.89
CA THR F 198 35.04 26.83 -25.00
C THR F 198 34.60 27.65 -23.78
N TYR F 199 34.08 26.96 -22.76
CA TYR F 199 33.56 27.55 -21.49
C TYR F 199 34.72 28.14 -20.69
N LYS F 200 34.57 29.33 -20.09
CA LYS F 200 35.73 30.11 -19.61
C LYS F 200 35.94 30.01 -18.10
N ASN F 201 34.91 29.81 -17.28
CA ASN F 201 35.13 29.50 -15.84
C ASN F 201 33.87 28.87 -15.28
N VAL F 202 33.49 27.70 -15.76
CA VAL F 202 32.11 27.18 -15.54
C VAL F 202 32.18 25.86 -14.77
N PRO F 203 31.69 25.83 -13.51
CA PRO F 203 31.41 24.57 -12.83
C PRO F 203 30.54 23.68 -13.72
N PHE F 204 30.95 22.44 -13.92
CA PHE F 204 30.02 21.39 -14.40
C PHE F 204 28.98 21.10 -13.31
N ASP F 205 27.91 21.91 -13.34
CA ASP F 205 26.72 21.81 -12.47
C ASP F 205 25.49 21.76 -13.39
N SER F 206 24.92 20.57 -13.64
CA SER F 206 23.93 20.34 -14.72
C SER F 206 22.49 20.66 -14.29
N SER F 207 21.69 21.15 -15.25
CA SER F 207 20.21 21.15 -15.14
C SER F 207 19.77 19.68 -14.98
N SER F 208 18.56 19.42 -14.49
CA SER F 208 17.97 18.06 -14.35
C SER F 208 17.35 17.63 -15.69
N LEU F 209 17.21 16.32 -15.83
CA LEU F 209 16.88 15.58 -17.06
C LEU F 209 15.98 14.40 -16.71
N THR F 210 14.77 14.35 -17.24
CA THR F 210 13.80 13.24 -17.24
C THR F 210 14.21 12.35 -18.42
N PHE F 211 14.17 11.02 -18.33
CA PHE F 211 14.39 10.07 -19.44
C PHE F 211 13.68 8.76 -19.11
N SER F 212 13.27 7.94 -20.08
CA SER F 212 12.65 6.67 -19.70
C SER F 212 13.28 5.54 -20.51
N TYR F 213 13.20 4.31 -20.00
CA TYR F 213 13.73 3.11 -20.71
C TYR F 213 12.86 1.91 -20.33
N ILE F 214 12.88 0.91 -21.22
CA ILE F 214 12.09 -0.34 -21.03
C ILE F 214 12.78 -1.22 -19.98
N ALA F 215 11.95 -1.84 -19.12
CA ALA F 215 12.35 -2.54 -17.88
C ALA F 215 12.49 -4.04 -18.13
N GLN F 216 13.62 -4.61 -17.66
CA GLN F 216 13.87 -6.07 -17.62
C GLN F 216 12.79 -6.67 -16.71
N ASP F 217 12.20 -7.80 -17.06
CA ASP F 217 11.23 -8.46 -16.16
C ASP F 217 12.03 -9.30 -15.16
N ALA F 218 11.50 -9.47 -13.94
CA ALA F 218 12.05 -10.33 -12.84
C ALA F 218 12.07 -11.81 -13.24
N GLU F 219 12.73 -12.64 -12.40
CA GLU F 219 12.69 -14.13 -12.37
C GLU F 219 13.38 -14.71 -13.63
S SO4 G . -6.66 -19.41 31.41
O1 SO4 G . -6.75 -18.49 32.50
O2 SO4 G . -7.89 -19.36 30.65
O3 SO4 G . -6.48 -20.74 31.93
O4 SO4 G . -5.55 -19.05 30.56
#